data_5UNH
#
_entry.id   5UNH
#
_cell.length_a   78.420
_cell.length_b   68.200
_cell.length_c   89.060
_cell.angle_alpha   90.00
_cell.angle_beta   104.32
_cell.angle_gamma   90.00
#
_symmetry.space_group_name_H-M   'P 1 21 1'
#
loop_
_entity.id
_entity.type
_entity.pdbx_description
1 polymer 'Soluble cytochrome b562,Type-2 angiotensin II receptor'
2 non-polymer "N-[(furan-2-yl)methyl]-N-(4-oxo-2-propyl-3-{[2'-(2H-tetrazol-5-yl)[1,1'-biphenyl]-4-yl]methyl}-3,4-dihydroquinazolin-6-yl)benzamide"
#
_entity_poly.entity_id   1
_entity_poly.type   'polypeptide(L)'
_entity_poly.pdbx_seq_one_letter_code
;ADLEDNWETLNDNLKVIEKADNAAQVKDALTKMRAAALDAQKATPPKLEDKSPDSPEMKDFRHGFDILVGQIDDALKLAN
EGKVKEAQAAAEQLKTTRNAYIQKYLGSGSCSQKPSDKHLDAIPILYYIIFVIGFLVNIVVVTLFCCQKGPKKVSSIYIF
NLAVADLLLLATLPLWATYYSYRYDWLFGPVMCKVFGSFLTLNMFASIFFITCMSVDRYQSVIYPFLSQRRNPWQASYIV
PLVWCMACLSSLPTFYFRDVRTIEYLGVNACIMAFPPEKYAQWSAGIALMKNILGFIIPLIFIATCYFGIRKHLLKTNSY
GKNRITRDQVLKMAAAVVLAFIICWLPFHVLTFLDALAWMGVINSCEVIAVIDLALPFAILLGFTNSCVNPFLYCFVGNR
FQQKLRSVFRV
;
_entity_poly.pdbx_strand_id   A,B
#
loop_
_chem_comp.id
_chem_comp.type
_chem_comp.name
_chem_comp.formula
8EM non-polymer N-[(furan-2-yl)methyl]-N-(4-oxo-2-propyl-3-{[2'-(2H-tetrazol-5-yl)[1,1'-biphenyl]-4-yl]methyl}-3,4-dihydroquinazolin-6-yl)benzamide 'C37 H31 N7 O3'
#
# COMPACT_ATOMS: atom_id res chain seq x y z
N ALA A 1 -32.20 -33.07 4.98
CA ALA A 1 -32.58 -33.42 3.61
C ALA A 1 -33.12 -32.18 2.85
N ASP A 2 -32.39 -31.05 2.97
CA ASP A 2 -32.82 -29.78 2.38
C ASP A 2 -31.86 -29.27 1.27
N LEU A 3 -31.18 -30.20 0.55
CA LEU A 3 -30.23 -29.90 -0.53
C LEU A 3 -28.94 -29.26 0.05
N GLU A 4 -29.05 -28.07 0.68
CA GLU A 4 -27.94 -27.34 1.32
C GLU A 4 -27.35 -28.20 2.45
N ASP A 5 -28.23 -28.85 3.24
CA ASP A 5 -27.94 -29.74 4.35
C ASP A 5 -27.38 -31.05 3.84
N ASN A 6 -27.78 -31.44 2.63
CA ASN A 6 -27.31 -32.64 1.93
C ASN A 6 -25.91 -32.39 1.33
N TRP A 7 -25.65 -31.14 0.89
CA TRP A 7 -24.35 -30.76 0.35
C TRP A 7 -23.33 -30.64 1.48
N GLU A 8 -23.77 -30.20 2.68
CA GLU A 8 -22.92 -30.12 3.88
C GLU A 8 -22.42 -31.51 4.23
N THR A 9 -23.29 -32.54 4.09
CA THR A 9 -22.98 -33.95 4.34
C THR A 9 -21.95 -34.46 3.31
N LEU A 10 -22.16 -34.15 2.01
CA LEU A 10 -21.28 -34.55 0.92
C LEU A 10 -19.91 -33.89 1.03
N ASN A 11 -19.87 -32.61 1.46
CA ASN A 11 -18.63 -31.85 1.62
C ASN A 11 -17.92 -32.20 2.93
N ASP A 12 -18.68 -32.57 3.99
CA ASP A 12 -18.14 -32.97 5.29
C ASP A 12 -17.35 -34.28 5.15
N ASN A 13 -17.97 -35.28 4.50
CA ASN A 13 -17.37 -36.60 4.27
C ASN A 13 -16.22 -36.55 3.27
N LEU A 14 -16.19 -35.54 2.38
CA LEU A 14 -15.09 -35.35 1.43
C LEU A 14 -13.79 -35.06 2.20
N LYS A 15 -13.87 -34.25 3.27
CA LYS A 15 -12.77 -33.88 4.15
C LYS A 15 -12.31 -35.12 4.93
N VAL A 16 -13.28 -35.95 5.36
CA VAL A 16 -13.08 -37.20 6.11
C VAL A 16 -12.24 -38.18 5.26
N ILE A 17 -12.55 -38.31 3.94
CA ILE A 17 -11.84 -39.20 3.02
C ILE A 17 -10.35 -38.79 2.91
N GLU A 18 -10.07 -37.48 2.88
CA GLU A 18 -8.71 -36.95 2.80
C GLU A 18 -7.89 -37.22 4.08
N LYS A 19 -8.54 -37.14 5.25
CA LYS A 19 -7.89 -37.35 6.56
C LYS A 19 -7.95 -38.83 7.01
N ALA A 20 -8.61 -39.71 6.23
CA ALA A 20 -8.73 -41.14 6.53
C ALA A 20 -7.42 -41.88 6.25
N ASP A 21 -7.14 -42.91 7.06
CA ASP A 21 -5.93 -43.73 6.93
C ASP A 21 -6.25 -45.17 6.48
N ASN A 22 -7.47 -45.66 6.80
CA ASN A 22 -7.93 -47.01 6.44
C ASN A 22 -9.09 -46.96 5.42
N ALA A 23 -9.25 -48.05 4.63
CA ALA A 23 -10.28 -48.18 3.60
C ALA A 23 -11.68 -48.31 4.21
N ALA A 24 -11.77 -48.79 5.46
CA ALA A 24 -13.02 -48.92 6.21
C ALA A 24 -13.58 -47.55 6.56
N GLN A 25 -12.68 -46.57 6.80
CA GLN A 25 -12.98 -45.17 7.09
C GLN A 25 -13.51 -44.48 5.83
N VAL A 26 -12.89 -44.78 4.68
CA VAL A 26 -13.21 -44.24 3.35
C VAL A 26 -14.58 -44.77 2.87
N LYS A 27 -14.80 -46.10 2.97
CA LYS A 27 -16.06 -46.73 2.55
C LYS A 27 -17.25 -46.20 3.37
N ASP A 28 -17.03 -45.91 4.66
CA ASP A 28 -18.03 -45.39 5.60
C ASP A 28 -18.51 -43.97 5.19
N ALA A 29 -17.57 -43.11 4.77
CA ALA A 29 -17.85 -41.75 4.32
C ALA A 29 -18.56 -41.75 2.96
N LEU A 30 -18.15 -42.67 2.05
CA LEU A 30 -18.72 -42.80 0.71
C LEU A 30 -20.16 -43.33 0.75
N THR A 31 -20.47 -44.18 1.75
CA THR A 31 -21.81 -44.73 1.95
C THR A 31 -22.77 -43.61 2.38
N LYS A 32 -22.29 -42.72 3.29
CA LYS A 32 -23.04 -41.56 3.80
C LYS A 32 -23.27 -40.54 2.67
N MET A 33 -22.33 -40.48 1.70
CA MET A 33 -22.39 -39.60 0.55
C MET A 33 -23.41 -40.09 -0.45
N ARG A 34 -23.38 -41.41 -0.80
CA ARG A 34 -24.27 -42.04 -1.78
C ARG A 34 -25.73 -41.84 -1.38
N ALA A 35 -26.05 -42.01 -0.08
CA ALA A 35 -27.39 -41.81 0.45
C ALA A 35 -27.82 -40.35 0.31
N ALA A 36 -26.94 -39.39 0.69
CA ALA A 36 -27.17 -37.95 0.61
C ALA A 36 -27.33 -37.46 -0.83
N ALA A 37 -26.58 -38.04 -1.79
CA ALA A 37 -26.64 -37.70 -3.21
C ALA A 37 -27.96 -38.16 -3.83
N LEU A 38 -28.48 -39.33 -3.41
CA LEU A 38 -29.76 -39.88 -3.87
C LEU A 38 -30.93 -39.09 -3.28
N ASP A 39 -30.76 -38.62 -2.03
CA ASP A 39 -31.74 -37.83 -1.30
C ASP A 39 -31.81 -36.40 -1.83
N ALA A 40 -30.72 -35.91 -2.46
CA ALA A 40 -30.65 -34.56 -3.04
C ALA A 40 -31.19 -34.52 -4.49
N GLN A 41 -31.23 -35.68 -5.19
CA GLN A 41 -31.74 -35.81 -6.56
C GLN A 41 -33.25 -35.54 -6.61
N LYS A 42 -33.99 -35.93 -5.56
CA LYS A 42 -35.45 -35.73 -5.49
C LYS A 42 -35.83 -34.28 -5.12
N ALA A 43 -34.87 -33.52 -4.56
CA ALA A 43 -35.07 -32.12 -4.13
C ALA A 43 -35.09 -31.15 -5.32
N THR A 44 -35.74 -29.98 -5.12
CA THR A 44 -35.84 -28.91 -6.12
C THR A 44 -34.93 -27.73 -5.71
N PRO A 45 -34.06 -27.19 -6.62
CA PRO A 45 -33.18 -26.07 -6.23
C PRO A 45 -33.90 -24.89 -5.56
N PRO A 46 -33.25 -24.16 -4.61
CA PRO A 46 -33.93 -23.05 -3.92
C PRO A 46 -34.18 -21.80 -4.80
N LYS A 47 -34.18 -21.97 -6.13
CA LYS A 47 -34.45 -20.95 -7.13
C LYS A 47 -35.26 -21.54 -8.30
N LEU A 48 -35.19 -22.88 -8.53
CA LEU A 48 -35.94 -23.57 -9.58
C LEU A 48 -37.28 -24.11 -9.03
N GLU A 49 -37.82 -23.44 -8.00
CA GLU A 49 -39.10 -23.75 -7.35
C GLU A 49 -40.27 -23.53 -8.31
N ASP A 50 -40.18 -22.45 -9.10
CA ASP A 50 -41.18 -22.02 -10.07
C ASP A 50 -41.26 -22.95 -11.29
N LYS A 51 -40.09 -23.50 -11.71
CA LYS A 51 -39.96 -24.37 -12.90
C LYS A 51 -40.47 -25.79 -12.66
N SER A 52 -41.13 -26.35 -13.70
CA SER A 52 -41.71 -27.70 -13.78
C SER A 52 -40.63 -28.80 -13.63
N PRO A 53 -40.97 -30.02 -13.15
CA PRO A 53 -39.93 -31.06 -12.97
C PRO A 53 -39.40 -31.68 -14.28
N ASP A 54 -40.16 -31.57 -15.39
CA ASP A 54 -39.76 -32.15 -16.68
C ASP A 54 -39.01 -31.15 -17.58
N SER A 55 -38.77 -29.92 -17.09
CA SER A 55 -38.05 -28.85 -17.80
C SER A 55 -36.56 -29.21 -18.02
N PRO A 56 -35.87 -28.68 -19.07
CA PRO A 56 -34.44 -29.03 -19.28
C PRO A 56 -33.52 -28.56 -18.14
N GLU A 57 -33.95 -27.58 -17.33
CA GLU A 57 -33.20 -27.06 -16.17
C GLU A 57 -33.20 -28.09 -15.03
N MET A 58 -34.34 -28.75 -14.81
CA MET A 58 -34.51 -29.77 -13.78
C MET A 58 -33.91 -31.11 -14.21
N LYS A 59 -33.76 -31.31 -15.54
CA LYS A 59 -33.19 -32.54 -16.11
C LYS A 59 -31.68 -32.64 -15.86
N ASP A 60 -30.91 -31.54 -16.08
CA ASP A 60 -29.47 -31.51 -15.88
C ASP A 60 -29.15 -31.60 -14.39
N PHE A 61 -30.04 -31.07 -13.52
CA PHE A 61 -29.89 -31.10 -12.05
C PHE A 61 -29.90 -32.54 -11.53
N ARG A 62 -30.89 -33.34 -11.96
CA ARG A 62 -31.03 -34.75 -11.57
C ARG A 62 -29.95 -35.59 -12.24
N HIS A 63 -29.47 -35.16 -13.43
CA HIS A 63 -28.42 -35.83 -14.19
C HIS A 63 -27.03 -35.62 -13.53
N GLY A 64 -26.80 -34.42 -13.00
CA GLY A 64 -25.56 -34.04 -12.32
C GLY A 64 -25.28 -34.90 -11.10
N PHE A 65 -26.36 -35.39 -10.43
CA PHE A 65 -26.30 -36.27 -9.27
C PHE A 65 -26.10 -37.74 -9.70
N ASP A 66 -26.57 -38.14 -10.91
CA ASP A 66 -26.36 -39.50 -11.46
C ASP A 66 -24.87 -39.71 -11.75
N ILE A 67 -24.18 -38.62 -12.17
CA ILE A 67 -22.74 -38.57 -12.43
C ILE A 67 -22.01 -38.74 -11.09
N LEU A 68 -22.45 -37.94 -10.09
CA LEU A 68 -21.94 -37.89 -8.73
C LEU A 68 -22.07 -39.25 -8.01
N VAL A 69 -23.22 -39.95 -8.18
CA VAL A 69 -23.48 -41.28 -7.59
C VAL A 69 -22.59 -42.31 -8.31
N GLY A 70 -22.46 -42.16 -9.63
CA GLY A 70 -21.62 -43.01 -10.47
C GLY A 70 -20.15 -42.97 -10.08
N GLN A 71 -19.65 -41.76 -9.76
CA GLN A 71 -18.28 -41.51 -9.29
C GLN A 71 -18.07 -42.05 -7.87
N ILE A 72 -19.12 -42.02 -7.02
CA ILE A 72 -19.10 -42.55 -5.64
C ILE A 72 -18.95 -44.08 -5.70
N ASP A 73 -19.70 -44.73 -6.62
CA ASP A 73 -19.67 -46.18 -6.84
C ASP A 73 -18.29 -46.68 -7.35
N ASP A 74 -17.61 -45.86 -8.18
CA ASP A 74 -16.27 -46.16 -8.70
C ASP A 74 -15.27 -46.18 -7.54
N ALA A 75 -15.36 -45.16 -6.66
CA ALA A 75 -14.56 -45.00 -5.45
C ALA A 75 -14.87 -46.09 -4.44
N LEU A 76 -16.15 -46.52 -4.36
CA LEU A 76 -16.61 -47.59 -3.48
C LEU A 76 -16.02 -48.93 -3.91
N LYS A 77 -15.92 -49.17 -5.24
CA LYS A 77 -15.35 -50.37 -5.84
C LYS A 77 -13.86 -50.52 -5.47
N LEU A 78 -13.15 -49.38 -5.36
CA LEU A 78 -11.73 -49.34 -4.98
C LEU A 78 -11.56 -49.59 -3.48
N ALA A 79 -12.40 -48.94 -2.64
CA ALA A 79 -12.41 -49.05 -1.18
C ALA A 79 -12.74 -50.47 -0.73
N ASN A 80 -13.66 -51.16 -1.44
CA ASN A 80 -14.08 -52.55 -1.15
C ASN A 80 -12.97 -53.55 -1.49
N GLU A 81 -12.07 -53.17 -2.43
CA GLU A 81 -10.91 -53.96 -2.85
C GLU A 81 -9.71 -53.71 -1.91
N GLY A 82 -9.85 -52.72 -1.03
CA GLY A 82 -8.84 -52.29 -0.07
C GLY A 82 -7.80 -51.41 -0.71
N LYS A 83 -8.25 -50.36 -1.42
CA LYS A 83 -7.39 -49.43 -2.16
C LYS A 83 -7.66 -48.00 -1.69
N VAL A 84 -6.99 -47.59 -0.58
CA VAL A 84 -7.14 -46.28 0.08
C VAL A 84 -6.72 -45.14 -0.87
N LYS A 85 -5.44 -45.13 -1.30
CA LYS A 85 -4.84 -44.12 -2.19
C LYS A 85 -5.63 -43.94 -3.51
N GLU A 86 -6.21 -45.03 -4.02
CA GLU A 86 -6.99 -45.06 -5.26
C GLU A 86 -8.40 -44.50 -5.01
N ALA A 87 -9.04 -44.86 -3.87
CA ALA A 87 -10.38 -44.36 -3.50
C ALA A 87 -10.32 -42.88 -3.12
N GLN A 88 -9.20 -42.42 -2.52
CA GLN A 88 -8.98 -41.02 -2.15
C GLN A 88 -8.76 -40.16 -3.42
N ALA A 89 -8.16 -40.77 -4.47
CA ALA A 89 -7.90 -40.14 -5.77
C ALA A 89 -9.22 -39.95 -6.54
N ALA A 90 -10.14 -40.92 -6.43
CA ALA A 90 -11.46 -40.89 -7.07
C ALA A 90 -12.38 -39.85 -6.40
N ALA A 91 -12.11 -39.54 -5.12
CA ALA A 91 -12.83 -38.54 -4.32
C ALA A 91 -12.47 -37.12 -4.79
N GLU A 92 -11.24 -36.92 -5.34
CA GLU A 92 -10.79 -35.64 -5.89
C GLU A 92 -11.56 -35.29 -7.16
N GLN A 93 -12.08 -36.31 -7.89
CA GLN A 93 -12.88 -36.14 -9.10
C GLN A 93 -14.28 -35.60 -8.77
N LEU A 94 -14.81 -35.92 -7.56
CA LEU A 94 -16.10 -35.44 -7.06
C LEU A 94 -16.07 -33.92 -6.85
N LYS A 95 -14.89 -33.39 -6.47
CA LYS A 95 -14.62 -31.95 -6.28
C LYS A 95 -14.89 -31.19 -7.57
N THR A 96 -14.52 -31.79 -8.74
CA THR A 96 -14.73 -31.22 -10.07
C THR A 96 -16.24 -31.20 -10.41
N THR A 97 -16.99 -32.22 -9.93
CA THR A 97 -18.44 -32.33 -10.14
C THR A 97 -19.17 -31.32 -9.25
N ARG A 98 -18.75 -31.19 -7.98
CA ARG A 98 -19.32 -30.29 -6.98
C ARG A 98 -19.10 -28.81 -7.40
N ASN A 99 -17.95 -28.51 -8.04
CA ASN A 99 -17.63 -27.18 -8.53
C ASN A 99 -18.46 -26.85 -9.77
N ALA A 100 -18.77 -27.86 -10.61
CA ALA A 100 -19.60 -27.70 -11.81
C ALA A 100 -21.08 -27.43 -11.39
N TYR A 101 -21.46 -27.84 -10.17
CA TYR A 101 -22.76 -27.63 -9.57
C TYR A 101 -22.88 -26.21 -9.03
N ILE A 102 -21.92 -25.80 -8.16
CA ILE A 102 -21.93 -24.49 -7.48
C ILE A 102 -21.86 -23.31 -8.49
N GLN A 103 -21.20 -23.52 -9.66
CA GLN A 103 -21.13 -22.50 -10.73
C GLN A 103 -22.52 -22.27 -11.32
N LYS A 104 -23.34 -23.35 -11.38
CA LYS A 104 -24.68 -23.33 -11.97
C LYS A 104 -25.81 -23.01 -10.98
N TYR A 105 -25.83 -23.66 -9.79
CA TYR A 105 -26.94 -23.54 -8.82
C TYR A 105 -26.65 -22.63 -7.59
N LEU A 106 -25.68 -21.68 -7.69
CA LEU A 106 -25.39 -20.72 -6.62
C LEU A 106 -25.15 -19.32 -7.20
N PRO A 115 -26.03 -13.71 -17.19
CA PRO A 115 -24.93 -14.10 -18.08
C PRO A 115 -24.03 -12.92 -18.49
N SER A 116 -22.89 -13.23 -19.12
CA SER A 116 -21.95 -12.22 -19.63
C SER A 116 -22.61 -11.35 -20.71
N ASP A 117 -23.62 -11.91 -21.40
CA ASP A 117 -24.41 -11.28 -22.44
C ASP A 117 -25.30 -10.14 -21.86
N LYS A 118 -25.13 -9.77 -20.56
CA LYS A 118 -25.78 -8.60 -19.96
C LYS A 118 -24.98 -7.33 -20.29
N HIS A 119 -23.95 -7.47 -21.16
CA HIS A 119 -23.02 -6.44 -21.64
C HIS A 119 -23.71 -5.24 -22.26
N LEU A 120 -23.10 -4.06 -22.02
CA LEU A 120 -23.42 -2.73 -22.51
C LEU A 120 -22.13 -2.03 -22.89
N ASP A 121 -22.11 -1.36 -24.05
CA ASP A 121 -20.96 -0.58 -24.54
C ASP A 121 -20.78 0.70 -23.72
N ALA A 122 -21.89 1.22 -23.18
CA ALA A 122 -21.91 2.45 -22.39
C ALA A 122 -21.02 2.38 -21.16
N ILE A 123 -20.95 1.20 -20.49
CA ILE A 123 -20.16 1.01 -19.28
C ILE A 123 -18.64 1.24 -19.54
N PRO A 124 -17.94 0.61 -20.51
CA PRO A 124 -16.51 0.92 -20.69
C PRO A 124 -16.20 2.41 -21.00
N ILE A 125 -17.05 3.07 -21.84
CA ILE A 125 -16.90 4.49 -22.21
C ILE A 125 -16.97 5.36 -20.95
N LEU A 126 -17.92 5.05 -20.05
CA LEU A 126 -18.16 5.78 -18.80
C LEU A 126 -17.02 5.59 -17.81
N TYR A 127 -16.33 4.45 -17.88
CA TYR A 127 -15.19 4.15 -17.02
C TYR A 127 -13.98 4.98 -17.43
N TYR A 128 -13.80 5.15 -18.75
CA TYR A 128 -12.71 5.96 -19.27
C TYR A 128 -13.00 7.47 -19.13
N ILE A 129 -14.26 7.95 -19.41
CA ILE A 129 -14.55 9.40 -19.38
C ILE A 129 -14.36 9.97 -17.97
N ILE A 130 -14.49 9.13 -16.94
CA ILE A 130 -14.30 9.61 -15.56
C ILE A 130 -12.85 9.35 -15.10
N PHE A 131 -12.12 8.53 -15.85
CA PHE A 131 -10.74 8.23 -15.51
C PHE A 131 -9.90 9.47 -15.79
N VAL A 132 -9.93 9.97 -17.04
CA VAL A 132 -9.14 11.11 -17.48
C VAL A 132 -9.45 12.36 -16.67
N ILE A 133 -10.74 12.58 -16.39
CA ILE A 133 -11.23 13.72 -15.63
C ILE A 133 -10.65 13.69 -14.23
N GLY A 134 -10.81 12.56 -13.55
CA GLY A 134 -10.35 12.34 -12.20
C GLY A 134 -8.85 12.50 -12.09
N PHE A 135 -8.13 11.99 -13.08
CA PHE A 135 -6.68 12.07 -13.10
C PHE A 135 -6.24 13.50 -13.27
N LEU A 136 -6.97 14.24 -14.13
CA LEU A 136 -6.69 15.64 -14.40
C LEU A 136 -6.97 16.47 -13.17
N VAL A 137 -8.13 16.22 -12.56
CA VAL A 137 -8.48 17.00 -11.41
C VAL A 137 -7.50 16.73 -10.27
N ASN A 138 -7.08 15.47 -10.07
CA ASN A 138 -6.13 15.16 -9.00
C ASN A 138 -4.71 15.64 -9.31
N ILE A 139 -4.31 15.67 -10.58
CA ILE A 139 -2.96 16.17 -10.89
C ILE A 139 -2.89 17.66 -10.62
N VAL A 140 -4.01 18.36 -10.83
CA VAL A 140 -4.11 19.80 -10.60
C VAL A 140 -3.78 20.07 -9.14
N VAL A 141 -4.26 19.23 -8.21
CA VAL A 141 -4.02 19.37 -6.76
C VAL A 141 -2.53 19.23 -6.45
N VAL A 142 -1.95 18.21 -7.03
CA VAL A 142 -0.55 17.87 -6.83
C VAL A 142 0.31 19.03 -7.33
N THR A 143 -0.01 19.54 -8.52
CA THR A 143 0.71 20.67 -9.12
C THR A 143 0.46 21.95 -8.36
N LEU A 144 -0.77 22.16 -7.84
CA LEU A 144 -1.00 23.40 -7.15
C LEU A 144 -0.24 23.39 -5.80
N PHE A 145 -0.09 22.24 -5.14
CA PHE A 145 0.73 22.17 -3.93
C PHE A 145 2.18 22.56 -4.29
N CYS A 146 2.65 22.12 -5.48
CA CYS A 146 4.00 22.44 -6.01
C CYS A 146 4.15 23.93 -6.16
N CYS A 147 3.14 24.60 -6.77
CA CYS A 147 3.13 26.05 -6.99
C CYS A 147 3.10 26.79 -5.68
N GLN A 148 2.33 26.28 -4.71
CA GLN A 148 2.21 26.88 -3.39
C GLN A 148 3.59 26.85 -2.71
N LYS A 149 4.31 25.71 -2.78
CA LYS A 149 5.66 25.63 -2.22
C LYS A 149 6.61 24.82 -3.13
N LYS A 153 1.15 22.54 6.37
CA LYS A 153 0.10 22.26 7.35
C LYS A 153 -0.22 20.76 7.41
N VAL A 154 -0.70 20.31 8.58
CA VAL A 154 -1.10 18.94 8.86
C VAL A 154 -2.25 18.51 7.94
N SER A 155 -3.26 19.38 7.78
CA SER A 155 -4.41 19.14 6.91
C SER A 155 -3.96 18.95 5.47
N SER A 156 -3.00 19.77 5.03
CA SER A 156 -2.45 19.72 3.67
C SER A 156 -1.69 18.42 3.43
N ILE A 157 -1.18 17.79 4.50
CA ILE A 157 -0.45 16.52 4.39
C ILE A 157 -1.47 15.40 4.16
N TYR A 158 -2.71 15.53 4.69
CA TYR A 158 -3.75 14.52 4.43
C TYR A 158 -4.32 14.68 3.00
N ILE A 159 -4.34 15.94 2.45
CA ILE A 159 -4.81 16.23 1.08
C ILE A 159 -3.90 15.50 0.07
N PHE A 160 -2.57 15.60 0.25
CA PHE A 160 -1.59 14.94 -0.61
C PHE A 160 -1.83 13.43 -0.63
N ASN A 161 -1.88 12.79 0.54
CA ASN A 161 -2.09 11.36 0.66
C ASN A 161 -3.40 10.91 0.01
N LEU A 162 -4.49 11.66 0.23
CA LEU A 162 -5.80 11.35 -0.35
C LEU A 162 -5.74 11.48 -1.87
N ALA A 163 -5.06 12.51 -2.37
CA ALA A 163 -4.93 12.72 -3.81
C ALA A 163 -4.12 11.61 -4.43
N VAL A 164 -3.04 11.17 -3.76
CA VAL A 164 -2.19 10.09 -4.23
C VAL A 164 -3.01 8.80 -4.30
N ALA A 165 -3.80 8.52 -3.24
CA ALA A 165 -4.64 7.33 -3.18
C ALA A 165 -5.66 7.35 -4.28
N ASP A 166 -6.28 8.51 -4.51
CA ASP A 166 -7.28 8.70 -5.54
C ASP A 166 -6.70 8.47 -6.92
N LEU A 167 -5.48 8.99 -7.16
CA LEU A 167 -4.77 8.85 -8.44
C LEU A 167 -4.49 7.38 -8.76
N LEU A 168 -4.07 6.59 -7.77
CA LEU A 168 -3.74 5.17 -7.96
C LEU A 168 -4.98 4.32 -8.21
N LEU A 169 -6.12 4.73 -7.63
CA LEU A 169 -7.39 4.04 -7.74
C LEU A 169 -7.98 4.26 -9.14
N LEU A 170 -7.87 5.51 -9.64
CA LEU A 170 -8.37 5.88 -10.98
C LEU A 170 -7.56 5.22 -12.07
N ALA A 171 -6.24 5.07 -11.84
CA ALA A 171 -5.31 4.42 -12.75
C ALA A 171 -5.71 2.95 -13.05
N THR A 172 -6.51 2.32 -12.18
CA THR A 172 -6.94 0.96 -12.42
C THR A 172 -8.19 0.87 -13.32
N LEU A 173 -8.87 1.99 -13.64
CA LEU A 173 -10.09 2.01 -14.45
C LEU A 173 -9.91 1.39 -15.85
N PRO A 174 -8.79 1.62 -16.59
CA PRO A 174 -8.64 0.92 -17.89
C PRO A 174 -8.65 -0.61 -17.78
N LEU A 175 -8.15 -1.21 -16.66
CA LEU A 175 -8.18 -2.67 -16.47
C LEU A 175 -9.60 -3.21 -16.40
N TRP A 176 -10.49 -2.54 -15.66
CA TRP A 176 -11.88 -2.98 -15.48
C TRP A 176 -12.77 -2.66 -16.69
N ALA A 177 -12.50 -1.56 -17.42
CA ALA A 177 -13.24 -1.21 -18.63
C ALA A 177 -12.84 -2.18 -19.78
N THR A 178 -11.65 -2.84 -19.67
CA THR A 178 -11.16 -3.85 -20.62
C THR A 178 -11.68 -5.27 -20.25
N TYR A 179 -11.59 -5.66 -18.97
CA TYR A 179 -12.10 -6.93 -18.44
C TYR A 179 -13.61 -7.07 -18.76
N TYR A 180 -14.41 -6.02 -18.49
CA TYR A 180 -15.86 -5.97 -18.77
C TYR A 180 -16.16 -6.12 -20.27
N SER A 181 -15.23 -5.64 -21.14
CA SER A 181 -15.33 -5.64 -22.61
C SER A 181 -15.01 -6.97 -23.27
N TYR A 182 -14.37 -7.88 -22.52
CA TYR A 182 -14.06 -9.22 -23.00
C TYR A 182 -15.00 -10.20 -22.29
N ARG A 183 -16.18 -9.67 -21.91
CA ARG A 183 -17.31 -10.34 -21.25
C ARG A 183 -16.81 -11.16 -20.05
N TYR A 184 -15.93 -10.52 -19.26
CA TYR A 184 -15.25 -10.98 -18.05
C TYR A 184 -14.22 -12.11 -18.34
N ASP A 185 -13.36 -11.92 -19.36
CA ASP A 185 -12.27 -12.85 -19.65
C ASP A 185 -10.93 -12.15 -19.36
N TRP A 186 -10.29 -12.52 -18.24
CA TRP A 186 -9.03 -11.98 -17.78
C TRP A 186 -7.89 -12.43 -18.70
N LEU A 187 -7.21 -11.47 -19.35
CA LEU A 187 -6.10 -11.73 -20.28
C LEU A 187 -4.77 -11.09 -19.82
N PHE A 188 -4.68 -10.74 -18.52
CA PHE A 188 -3.50 -10.11 -17.93
C PHE A 188 -2.63 -11.10 -17.12
N GLY A 189 -3.21 -12.22 -16.69
CA GLY A 189 -2.50 -13.23 -15.91
C GLY A 189 -3.05 -13.41 -14.51
N PRO A 190 -2.95 -14.64 -13.92
CA PRO A 190 -3.50 -14.85 -12.56
C PRO A 190 -2.76 -14.11 -11.44
N VAL A 191 -1.50 -13.69 -11.71
CA VAL A 191 -0.69 -12.95 -10.75
C VAL A 191 -1.22 -11.52 -10.70
N MET A 192 -1.53 -10.94 -11.87
CA MET A 192 -2.12 -9.59 -11.99
C MET A 192 -3.50 -9.54 -11.33
N CYS A 193 -4.22 -10.66 -11.29
CA CYS A 193 -5.54 -10.80 -10.67
C CYS A 193 -5.43 -10.59 -9.14
N LYS A 194 -4.36 -11.10 -8.52
CA LYS A 194 -4.09 -10.92 -7.09
C LYS A 194 -3.47 -9.54 -6.83
N VAL A 195 -2.47 -9.13 -7.67
CA VAL A 195 -1.71 -7.87 -7.55
C VAL A 195 -2.62 -6.66 -7.76
N PHE A 196 -3.29 -6.55 -8.93
CA PHE A 196 -4.18 -5.43 -9.23
C PHE A 196 -5.50 -5.51 -8.47
N GLY A 197 -5.90 -6.72 -8.05
CA GLY A 197 -7.11 -6.93 -7.25
C GLY A 197 -6.94 -6.33 -5.86
N SER A 198 -5.79 -6.58 -5.21
CA SER A 198 -5.44 -6.06 -3.89
C SER A 198 -5.10 -4.57 -3.94
N PHE A 199 -4.36 -4.14 -4.98
CA PHE A 199 -3.96 -2.75 -5.18
C PHE A 199 -5.19 -1.84 -5.26
N LEU A 200 -6.26 -2.35 -5.88
CA LEU A 200 -7.54 -1.66 -6.01
C LEU A 200 -8.16 -1.43 -4.63
N THR A 201 -8.21 -2.48 -3.80
CA THR A 201 -8.81 -2.47 -2.45
C THR A 201 -7.95 -1.62 -1.48
N LEU A 202 -6.61 -1.71 -1.58
CA LEU A 202 -5.64 -0.97 -0.75
C LEU A 202 -5.83 0.55 -0.87
N ASN A 203 -6.01 1.05 -2.10
CA ASN A 203 -6.17 2.48 -2.39
C ASN A 203 -7.60 2.95 -2.22
N MET A 204 -8.59 2.06 -2.36
CA MET A 204 -10.00 2.41 -2.15
C MET A 204 -10.21 2.71 -0.67
N PHE A 205 -9.67 1.85 0.23
CA PHE A 205 -9.75 2.02 1.67
C PHE A 205 -8.90 3.21 2.12
N ALA A 206 -7.67 3.39 1.57
CA ALA A 206 -6.78 4.50 1.90
C ALA A 206 -7.42 5.85 1.55
N SER A 207 -8.25 5.90 0.49
CA SER A 207 -9.01 7.08 0.08
C SER A 207 -10.13 7.37 1.09
N ILE A 208 -10.87 6.32 1.54
CA ILE A 208 -11.97 6.39 2.52
C ILE A 208 -11.44 6.79 3.89
N PHE A 209 -10.34 6.15 4.33
CA PHE A 209 -9.73 6.37 5.64
C PHE A 209 -9.09 7.76 5.74
N PHE A 210 -8.68 8.37 4.61
CA PHE A 210 -8.08 9.71 4.65
C PHE A 210 -9.19 10.78 4.61
N ILE A 211 -10.40 10.43 4.07
CA ILE A 211 -11.58 11.33 4.07
C ILE A 211 -12.01 11.53 5.54
N THR A 212 -11.92 10.43 6.32
CA THR A 212 -12.23 10.35 7.74
C THR A 212 -11.25 11.24 8.54
N CYS A 213 -9.93 11.13 8.25
CA CYS A 213 -8.87 11.94 8.87
C CYS A 213 -9.17 13.41 8.67
N MET A 214 -9.55 13.79 7.44
CA MET A 214 -9.87 15.15 7.03
C MET A 214 -11.06 15.71 7.80
N SER A 215 -12.09 14.86 8.06
CA SER A 215 -13.27 15.28 8.81
C SER A 215 -12.96 15.46 10.30
N VAL A 216 -12.09 14.60 10.87
CA VAL A 216 -11.65 14.67 12.27
C VAL A 216 -10.79 15.92 12.49
N ASP A 217 -9.92 16.26 11.52
CA ASP A 217 -9.04 17.42 11.56
C ASP A 217 -9.84 18.73 11.51
N ARG A 218 -10.80 18.83 10.55
CA ARG A 218 -11.70 19.99 10.39
C ARG A 218 -12.53 20.21 11.65
N TYR A 219 -12.92 19.12 12.35
CA TYR A 219 -13.67 19.20 13.60
C TYR A 219 -12.76 19.67 14.73
N GLN A 220 -11.53 19.12 14.81
CA GLN A 220 -10.50 19.45 15.81
C GLN A 220 -10.11 20.93 15.75
N SER A 221 -10.05 21.50 14.53
CA SER A 221 -9.70 22.90 14.29
C SER A 221 -10.87 23.83 14.63
N VAL A 222 -12.13 23.40 14.36
CA VAL A 222 -13.36 24.14 14.62
C VAL A 222 -13.54 24.38 16.13
N ILE A 223 -13.12 23.44 16.99
CA ILE A 223 -13.25 23.56 18.45
C ILE A 223 -12.04 24.38 19.02
N TYR A 224 -10.80 24.11 18.53
CA TYR A 224 -9.55 24.77 18.96
C TYR A 224 -9.64 26.32 19.03
N ALA A 236 0.83 13.28 14.02
CA ALA A 236 0.40 13.35 12.62
C ALA A 236 1.29 12.51 11.70
N SER A 237 2.60 12.40 12.05
CA SER A 237 3.62 11.60 11.32
C SER A 237 3.47 10.11 11.68
N TYR A 238 2.49 9.83 12.56
CA TYR A 238 2.10 8.51 13.06
C TYR A 238 0.80 8.05 12.40
N ILE A 239 -0.15 8.97 12.13
CA ILE A 239 -1.46 8.71 11.54
C ILE A 239 -1.31 8.26 10.08
N VAL A 240 -0.63 9.05 9.23
CA VAL A 240 -0.45 8.71 7.80
C VAL A 240 0.09 7.25 7.64
N PRO A 241 1.23 6.79 8.29
CA PRO A 241 1.62 5.38 8.09
C PRO A 241 0.61 4.36 8.63
N LEU A 242 -0.15 4.71 9.70
CA LEU A 242 -1.18 3.85 10.25
C LEU A 242 -2.37 3.67 9.28
N VAL A 243 -2.75 4.74 8.56
CA VAL A 243 -3.87 4.74 7.60
C VAL A 243 -3.54 3.81 6.42
N TRP A 244 -2.25 3.73 6.04
CA TRP A 244 -1.79 2.85 4.98
C TRP A 244 -1.70 1.41 5.50
N CYS A 245 -1.33 1.23 6.79
CA CYS A 245 -1.25 -0.09 7.41
C CYS A 245 -2.65 -0.71 7.54
N MET A 246 -3.66 0.10 7.93
CA MET A 246 -5.06 -0.32 8.07
C MET A 246 -5.66 -0.69 6.70
N ALA A 247 -5.20 0.00 5.63
CA ALA A 247 -5.62 -0.26 4.24
C ALA A 247 -5.00 -1.58 3.74
N CYS A 248 -3.78 -1.90 4.19
CA CYS A 248 -3.05 -3.13 3.85
C CYS A 248 -3.74 -4.32 4.46
N LEU A 249 -4.15 -4.19 5.74
CA LEU A 249 -4.85 -5.21 6.54
C LEU A 249 -6.25 -5.50 5.98
N SER A 250 -6.99 -4.45 5.59
CA SER A 250 -8.35 -4.55 5.05
C SER A 250 -8.39 -5.15 3.64
N SER A 251 -7.23 -5.20 2.95
CA SER A 251 -7.13 -5.76 1.59
C SER A 251 -6.46 -7.16 1.57
N LEU A 252 -6.29 -7.78 2.76
CA LEU A 252 -5.73 -9.13 2.91
C LEU A 252 -6.71 -10.23 2.42
N PRO A 253 -8.06 -10.15 2.66
CA PRO A 253 -8.96 -11.18 2.09
C PRO A 253 -9.03 -11.13 0.56
N THR A 254 -8.73 -9.98 -0.07
CA THR A 254 -8.68 -9.85 -1.54
C THR A 254 -7.43 -10.59 -2.03
N PHE A 255 -6.29 -10.32 -1.38
CA PHE A 255 -5.00 -10.94 -1.71
C PHE A 255 -5.02 -12.44 -1.53
N TYR A 256 -5.67 -12.94 -0.48
CA TYR A 256 -5.70 -14.36 -0.21
C TYR A 256 -6.64 -15.11 -1.17
N PHE A 257 -7.79 -14.52 -1.57
CA PHE A 257 -8.78 -15.24 -2.39
C PHE A 257 -8.84 -14.87 -3.91
N ARG A 258 -8.50 -13.63 -4.36
CA ARG A 258 -8.59 -13.28 -5.81
C ARG A 258 -7.73 -14.19 -6.70
N ASP A 259 -8.34 -14.86 -7.70
CA ASP A 259 -7.60 -15.73 -8.62
C ASP A 259 -8.37 -15.97 -9.90
N VAL A 260 -7.66 -16.35 -10.97
CA VAL A 260 -8.30 -16.63 -12.26
C VAL A 260 -8.87 -18.05 -12.23
N ARG A 261 -10.18 -18.18 -12.48
CA ARG A 261 -10.87 -19.47 -12.51
C ARG A 261 -11.62 -19.60 -13.83
N THR A 262 -11.64 -20.81 -14.38
CA THR A 262 -12.29 -21.11 -15.65
C THR A 262 -13.79 -21.31 -15.45
N ILE A 263 -14.61 -20.62 -16.25
CA ILE A 263 -16.06 -20.75 -16.22
C ILE A 263 -16.40 -21.49 -17.52
N GLU A 264 -16.50 -22.84 -17.42
CA GLU A 264 -16.75 -23.78 -18.54
C GLU A 264 -18.04 -23.48 -19.30
N TYR A 265 -19.06 -22.92 -18.61
CA TYR A 265 -20.36 -22.53 -19.18
C TYR A 265 -20.21 -21.48 -20.28
N LEU A 266 -19.29 -20.50 -20.08
CA LEU A 266 -19.01 -19.40 -21.01
C LEU A 266 -17.66 -19.51 -21.76
N GLY A 267 -16.83 -20.49 -21.37
CA GLY A 267 -15.49 -20.71 -21.94
C GLY A 267 -14.61 -19.50 -21.74
N VAL A 268 -14.69 -18.96 -20.52
CA VAL A 268 -14.07 -17.71 -20.11
C VAL A 268 -13.41 -17.87 -18.74
N ASN A 269 -12.14 -17.48 -18.71
CA ASN A 269 -11.26 -17.44 -17.55
C ASN A 269 -11.51 -16.13 -16.87
N ALA A 270 -12.12 -16.15 -15.68
CA ALA A 270 -12.45 -14.91 -14.99
C ALA A 270 -11.68 -14.72 -13.70
N CYS A 271 -11.36 -13.44 -13.40
CA CYS A 271 -10.68 -12.98 -12.19
C CYS A 271 -11.76 -12.84 -11.13
N ILE A 272 -11.88 -13.84 -10.23
CA ILE A 272 -12.93 -13.90 -9.20
C ILE A 272 -12.38 -14.25 -7.81
N MET A 273 -13.18 -14.00 -6.76
CA MET A 273 -12.82 -14.37 -5.39
C MET A 273 -13.03 -15.86 -5.28
N ALA A 274 -11.92 -16.61 -5.26
CA ALA A 274 -11.91 -18.08 -5.23
C ALA A 274 -12.04 -18.62 -3.78
N PHE A 275 -13.26 -18.45 -3.19
CA PHE A 275 -13.58 -18.92 -1.83
C PHE A 275 -13.62 -20.45 -1.78
N PRO A 276 -13.33 -21.12 -0.63
CA PRO A 276 -13.41 -22.59 -0.59
C PRO A 276 -14.85 -23.06 -0.88
N PRO A 277 -15.05 -23.85 -1.97
CA PRO A 277 -16.41 -24.23 -2.36
C PRO A 277 -17.15 -25.03 -1.28
N GLU A 278 -16.41 -25.47 -0.23
CA GLU A 278 -16.92 -26.17 0.95
C GLU A 278 -18.01 -25.31 1.65
N LYS A 279 -17.77 -23.97 1.81
CA LYS A 279 -18.70 -22.99 2.38
C LYS A 279 -18.57 -21.65 1.59
N TYR A 280 -18.86 -21.71 0.28
CA TYR A 280 -18.74 -20.61 -0.69
C TYR A 280 -19.81 -19.53 -0.46
N ALA A 281 -21.07 -19.95 -0.19
CA ALA A 281 -22.19 -19.04 0.06
C ALA A 281 -21.99 -18.23 1.33
N GLN A 282 -21.48 -18.90 2.39
CA GLN A 282 -21.18 -18.33 3.72
C GLN A 282 -20.12 -17.22 3.57
N TRP A 283 -19.05 -17.50 2.80
CA TRP A 283 -17.93 -16.59 2.56
C TRP A 283 -18.35 -15.35 1.78
N SER A 284 -19.19 -15.50 0.74
CA SER A 284 -19.67 -14.38 -0.08
C SER A 284 -20.55 -13.44 0.73
N ALA A 285 -21.38 -13.98 1.65
CA ALA A 285 -22.25 -13.20 2.55
C ALA A 285 -21.42 -12.50 3.64
N GLY A 286 -20.44 -13.21 4.22
CA GLY A 286 -19.54 -12.70 5.25
C GLY A 286 -18.64 -11.57 4.76
N ILE A 287 -18.10 -11.71 3.53
CA ILE A 287 -17.23 -10.71 2.88
C ILE A 287 -18.08 -9.51 2.43
N ALA A 288 -19.32 -9.73 1.93
CA ALA A 288 -20.21 -8.62 1.54
C ALA A 288 -20.52 -7.69 2.75
N LEU A 289 -20.71 -8.29 3.95
CA LEU A 289 -20.97 -7.56 5.18
C LEU A 289 -19.72 -6.73 5.63
N MET A 290 -18.49 -7.29 5.49
CA MET A 290 -17.21 -6.63 5.82
C MET A 290 -17.00 -5.40 4.92
N LYS A 291 -17.47 -5.49 3.67
CA LYS A 291 -17.39 -4.39 2.72
C LYS A 291 -18.19 -3.17 3.20
N ASN A 292 -19.39 -3.39 3.81
CA ASN A 292 -20.29 -2.36 4.31
C ASN A 292 -19.81 -1.73 5.63
N ILE A 293 -19.39 -2.56 6.60
CA ILE A 293 -18.95 -2.10 7.92
C ILE A 293 -17.66 -1.24 7.80
N LEU A 294 -16.60 -1.81 7.21
CA LEU A 294 -15.30 -1.15 7.06
C LEU A 294 -15.27 -0.03 6.03
N GLY A 295 -16.07 -0.16 4.98
CA GLY A 295 -16.07 0.79 3.87
C GLY A 295 -17.18 1.83 3.88
N PHE A 296 -18.22 1.68 4.73
CA PHE A 296 -19.30 2.65 4.73
C PHE A 296 -19.83 3.00 6.13
N ILE A 297 -20.22 2.00 6.95
CA ILE A 297 -20.80 2.20 8.28
C ILE A 297 -19.84 2.98 9.18
N ILE A 298 -18.67 2.39 9.53
CA ILE A 298 -17.68 3.01 10.41
C ILE A 298 -17.24 4.37 9.84
N PRO A 299 -16.82 4.47 8.55
CA PRO A 299 -16.45 5.80 8.03
C PRO A 299 -17.59 6.82 8.17
N LEU A 300 -18.83 6.49 7.74
CA LEU A 300 -20.00 7.39 7.81
C LEU A 300 -20.31 7.85 9.23
N ILE A 301 -20.06 7.00 10.25
CA ILE A 301 -20.27 7.35 11.66
C ILE A 301 -19.43 8.61 11.96
N PHE A 302 -18.11 8.54 11.62
CA PHE A 302 -17.14 9.61 11.79
C PHE A 302 -17.48 10.87 11.02
N ILE A 303 -17.76 10.75 9.70
CA ILE A 303 -18.11 11.90 8.83
C ILE A 303 -19.34 12.64 9.41
N ALA A 304 -20.37 11.89 9.83
CA ALA A 304 -21.60 12.45 10.38
C ALA A 304 -21.40 13.04 11.78
N THR A 305 -20.62 12.39 12.67
CA THR A 305 -20.35 12.91 14.03
C THR A 305 -19.59 14.23 13.96
N CYS A 306 -18.61 14.33 13.03
CA CYS A 306 -17.80 15.52 12.81
C CYS A 306 -18.63 16.66 12.23
N TYR A 307 -19.54 16.39 11.26
CA TYR A 307 -20.39 17.44 10.69
C TYR A 307 -21.29 18.07 11.77
N PHE A 308 -21.99 17.23 12.55
CA PHE A 308 -22.90 17.68 13.61
C PHE A 308 -22.12 18.22 14.82
N GLY A 309 -20.83 17.87 14.91
CA GLY A 309 -19.92 18.37 15.94
C GLY A 309 -19.50 19.80 15.62
N ILE A 310 -19.29 20.07 14.31
CA ILE A 310 -18.96 21.38 13.76
C ILE A 310 -20.24 22.23 13.81
N ARG A 311 -21.40 21.67 13.35
CA ARG A 311 -22.70 22.36 13.33
C ARG A 311 -23.11 22.82 14.75
N LYS A 312 -22.83 22.00 15.78
CA LYS A 312 -23.14 22.32 17.18
C LYS A 312 -22.27 23.45 17.74
N HIS A 313 -21.03 23.62 17.22
CA HIS A 313 -20.07 24.63 17.66
C HIS A 313 -20.33 26.00 17.05
N LEU A 314 -20.81 26.03 15.79
CA LEU A 314 -21.08 27.28 15.08
C LEU A 314 -22.43 27.89 15.45
N LEU A 315 -23.42 27.03 15.81
CA LEU A 315 -24.78 27.42 16.22
C LEU A 315 -24.78 28.02 17.65
N LYS A 316 -23.66 27.84 18.37
CA LYS A 316 -23.39 28.38 19.71
C LYS A 316 -22.15 29.28 19.57
N THR A 317 -21.62 29.83 20.69
CA THR A 317 -20.45 30.72 20.78
C THR A 317 -20.70 32.05 20.01
N TYR A 320 -26.57 36.16 14.45
CA TYR A 320 -26.07 37.49 14.12
C TYR A 320 -26.63 38.00 12.78
N GLY A 321 -26.26 39.23 12.41
CA GLY A 321 -26.68 39.87 11.16
C GLY A 321 -25.61 39.78 10.10
N LYS A 322 -24.43 40.33 10.39
CA LYS A 322 -23.27 40.34 9.48
C LYS A 322 -22.44 39.05 9.60
N ASN A 323 -22.31 38.52 10.83
CA ASN A 323 -21.53 37.30 11.14
C ASN A 323 -22.30 36.00 10.85
N ARG A 324 -23.58 36.07 10.43
CA ARG A 324 -24.33 34.86 10.11
C ARG A 324 -24.03 34.39 8.68
N ILE A 325 -23.69 35.33 7.77
CA ILE A 325 -23.39 35.06 6.37
C ILE A 325 -22.15 34.17 6.28
N THR A 326 -21.11 34.50 7.08
CA THR A 326 -19.83 33.78 7.13
C THR A 326 -19.99 32.38 7.77
N ARG A 327 -20.74 32.25 8.88
CA ARG A 327 -20.95 30.95 9.56
C ARG A 327 -21.72 29.98 8.66
N ASP A 328 -22.73 30.49 7.91
CA ASP A 328 -23.56 29.70 6.98
C ASP A 328 -22.68 29.08 5.87
N GLN A 329 -21.74 29.88 5.33
CA GLN A 329 -20.80 29.47 4.28
C GLN A 329 -19.86 28.34 4.76
N VAL A 330 -19.38 28.41 6.02
CA VAL A 330 -18.50 27.41 6.64
C VAL A 330 -19.27 26.09 6.81
N LEU A 331 -20.53 26.18 7.22
CA LEU A 331 -21.41 25.02 7.42
C LEU A 331 -21.76 24.35 6.11
N LYS A 332 -21.87 25.14 5.01
CA LYS A 332 -22.16 24.63 3.66
C LYS A 332 -21.00 23.73 3.16
N MET A 333 -19.75 24.13 3.49
CA MET A 333 -18.54 23.38 3.16
C MET A 333 -18.45 22.09 3.98
N ALA A 334 -18.97 22.13 5.22
CA ALA A 334 -19.01 20.98 6.12
C ALA A 334 -20.09 20.00 5.66
N ALA A 335 -21.22 20.52 5.13
CA ALA A 335 -22.35 19.72 4.67
C ALA A 335 -22.03 18.98 3.39
N ALA A 336 -21.21 19.58 2.51
CA ALA A 336 -20.84 19.06 1.20
C ALA A 336 -20.08 17.74 1.28
N VAL A 337 -19.06 17.66 2.16
CA VAL A 337 -18.20 16.47 2.31
C VAL A 337 -18.99 15.23 2.81
N VAL A 338 -20.03 15.42 3.64
CA VAL A 338 -20.82 14.30 4.17
C VAL A 338 -21.89 13.88 3.13
N LEU A 339 -22.50 14.85 2.41
CA LEU A 339 -23.52 14.56 1.42
C LEU A 339 -22.91 13.90 0.17
N ALA A 340 -21.69 14.32 -0.25
CA ALA A 340 -20.99 13.75 -1.41
C ALA A 340 -20.56 12.30 -1.16
N PHE A 341 -20.26 11.94 0.09
CA PHE A 341 -19.87 10.57 0.44
C PHE A 341 -21.05 9.62 0.29
N ILE A 342 -22.25 10.00 0.79
CA ILE A 342 -23.42 9.12 0.71
C ILE A 342 -24.00 9.05 -0.72
N ILE A 343 -23.84 10.11 -1.52
CA ILE A 343 -24.34 10.08 -2.91
C ILE A 343 -23.48 9.09 -3.73
N CYS A 344 -22.15 9.10 -3.51
CA CYS A 344 -21.18 8.27 -4.22
C CYS A 344 -21.12 6.80 -3.76
N TRP A 345 -21.21 6.54 -2.45
CA TRP A 345 -21.05 5.18 -1.95
C TRP A 345 -22.33 4.45 -1.47
N LEU A 346 -23.44 5.15 -1.11
CA LEU A 346 -24.65 4.46 -0.64
C LEU A 346 -25.27 3.57 -1.74
N PRO A 347 -25.45 3.99 -3.03
CA PRO A 347 -26.04 3.08 -4.03
C PRO A 347 -25.34 1.71 -4.12
N PHE A 348 -23.99 1.67 -4.12
CA PHE A 348 -23.20 0.42 -4.19
C PHE A 348 -23.36 -0.42 -2.91
N HIS A 349 -23.28 0.20 -1.72
CA HIS A 349 -23.37 -0.51 -0.44
C HIS A 349 -24.79 -1.07 -0.19
N VAL A 350 -25.83 -0.44 -0.78
CA VAL A 350 -27.23 -0.92 -0.69
C VAL A 350 -27.33 -2.23 -1.50
N LEU A 351 -26.78 -2.20 -2.72
CA LEU A 351 -26.71 -3.32 -3.67
C LEU A 351 -25.92 -4.51 -3.12
N THR A 352 -24.85 -4.21 -2.35
CA THR A 352 -23.97 -5.19 -1.69
C THR A 352 -24.71 -5.87 -0.52
N PHE A 353 -25.54 -5.12 0.24
CA PHE A 353 -26.31 -5.71 1.34
C PHE A 353 -27.44 -6.61 0.80
N LEU A 354 -28.07 -6.19 -0.32
CA LEU A 354 -29.13 -6.94 -1.00
C LEU A 354 -28.56 -8.24 -1.57
N ASP A 355 -27.32 -8.20 -2.07
CA ASP A 355 -26.57 -9.34 -2.62
C ASP A 355 -26.21 -10.32 -1.50
N ALA A 356 -25.86 -9.81 -0.30
CA ALA A 356 -25.50 -10.63 0.86
C ALA A 356 -26.68 -11.49 1.30
N LEU A 357 -27.91 -10.92 1.25
CA LEU A 357 -29.16 -11.59 1.61
C LEU A 357 -29.51 -12.68 0.59
N ALA A 358 -29.09 -12.51 -0.68
CA ALA A 358 -29.29 -13.48 -1.75
C ALA A 358 -28.49 -14.74 -1.46
N TRP A 359 -27.20 -14.55 -1.06
CA TRP A 359 -26.30 -15.63 -0.66
C TRP A 359 -26.81 -16.35 0.60
N MET A 360 -27.49 -15.62 1.54
CA MET A 360 -28.07 -16.16 2.78
C MET A 360 -29.31 -17.00 2.51
N GLY A 361 -30.03 -16.67 1.44
CA GLY A 361 -31.26 -17.33 1.04
C GLY A 361 -32.51 -16.53 1.36
N VAL A 362 -32.35 -15.24 1.71
CA VAL A 362 -33.44 -14.34 2.05
C VAL A 362 -34.21 -13.99 0.76
N ILE A 363 -33.55 -13.29 -0.16
CA ILE A 363 -34.11 -12.92 -1.45
C ILE A 363 -33.75 -14.02 -2.46
N ASN A 364 -34.78 -14.61 -3.10
CA ASN A 364 -34.62 -15.70 -4.06
C ASN A 364 -35.22 -15.39 -5.45
N SER A 365 -35.87 -14.21 -5.61
CA SER A 365 -36.46 -13.76 -6.87
C SER A 365 -35.37 -13.38 -7.84
N CYS A 366 -35.19 -14.18 -8.91
CA CYS A 366 -34.19 -13.96 -9.95
C CYS A 366 -34.46 -12.65 -10.72
N GLU A 367 -35.74 -12.18 -10.73
CA GLU A 367 -36.17 -10.90 -11.31
C GLU A 367 -35.46 -9.76 -10.57
N VAL A 368 -35.49 -9.79 -9.21
CA VAL A 368 -34.87 -8.80 -8.31
C VAL A 368 -33.33 -8.96 -8.36
N ILE A 369 -32.82 -10.22 -8.38
CA ILE A 369 -31.38 -10.55 -8.44
C ILE A 369 -30.77 -10.01 -9.75
N ALA A 370 -31.52 -10.06 -10.87
CA ALA A 370 -31.09 -9.57 -12.17
C ALA A 370 -30.86 -8.05 -12.15
N VAL A 371 -31.75 -7.31 -11.46
CA VAL A 371 -31.70 -5.85 -11.31
C VAL A 371 -30.39 -5.43 -10.59
N ILE A 372 -30.01 -6.15 -9.49
CA ILE A 372 -28.79 -5.89 -8.73
C ILE A 372 -27.58 -5.97 -9.68
N ASP A 373 -27.50 -7.06 -10.46
CA ASP A 373 -26.46 -7.36 -11.44
C ASP A 373 -26.33 -6.29 -12.52
N LEU A 374 -27.48 -5.79 -13.06
CA LEU A 374 -27.50 -4.75 -14.11
C LEU A 374 -27.03 -3.40 -13.57
N ALA A 375 -27.47 -3.02 -12.35
CA ALA A 375 -27.17 -1.75 -11.70
C ALA A 375 -25.75 -1.68 -11.12
N LEU A 376 -25.19 -2.82 -10.66
CA LEU A 376 -23.89 -2.92 -10.00
C LEU A 376 -22.70 -2.22 -10.72
N PRO A 377 -22.44 -2.36 -12.05
CA PRO A 377 -21.29 -1.62 -12.62
C PRO A 377 -21.46 -0.09 -12.52
N PHE A 378 -22.72 0.40 -12.58
CA PHE A 378 -23.05 1.82 -12.47
C PHE A 378 -22.89 2.32 -11.02
N ALA A 379 -23.18 1.46 -10.02
CA ALA A 379 -23.02 1.77 -8.60
C ALA A 379 -21.53 1.71 -8.22
N ILE A 380 -20.72 0.89 -8.96
CA ILE A 380 -19.27 0.73 -8.83
C ILE A 380 -18.59 2.03 -9.32
N LEU A 381 -19.05 2.57 -10.46
CA LEU A 381 -18.52 3.78 -11.11
C LEU A 381 -18.69 5.03 -10.21
N LEU A 382 -19.81 5.12 -9.42
CA LEU A 382 -20.07 6.21 -8.47
C LEU A 382 -18.99 6.27 -7.38
N GLY A 383 -18.47 5.10 -6.99
CA GLY A 383 -17.38 4.98 -6.02
C GLY A 383 -16.12 5.66 -6.53
N PHE A 384 -15.80 5.47 -7.83
CA PHE A 384 -14.65 6.08 -8.52
C PHE A 384 -14.87 7.58 -8.73
N THR A 385 -16.14 8.00 -8.91
CA THR A 385 -16.56 9.39 -9.13
C THR A 385 -16.24 10.24 -7.88
N ASN A 386 -16.27 9.62 -6.67
CA ASN A 386 -15.93 10.28 -5.40
C ASN A 386 -14.51 10.86 -5.45
N SER A 387 -13.59 10.20 -6.20
CA SER A 387 -12.19 10.63 -6.40
C SER A 387 -12.12 11.90 -7.26
N CYS A 388 -13.13 12.14 -8.11
CA CYS A 388 -13.23 13.33 -8.95
C CYS A 388 -13.82 14.49 -8.15
N VAL A 389 -14.67 14.19 -7.15
CA VAL A 389 -15.33 15.16 -6.29
C VAL A 389 -14.33 15.71 -5.26
N ASN A 390 -13.54 14.81 -4.61
CA ASN A 390 -12.54 15.12 -3.57
C ASN A 390 -11.69 16.40 -3.83
N PRO A 391 -11.07 16.65 -5.01
CA PRO A 391 -10.31 17.90 -5.20
C PRO A 391 -11.12 19.19 -4.94
N PHE A 392 -12.43 19.18 -5.27
CA PHE A 392 -13.34 20.30 -5.09
C PHE A 392 -13.79 20.46 -3.63
N LEU A 393 -13.75 19.37 -2.84
CA LEU A 393 -14.20 19.37 -1.45
C LEU A 393 -13.13 19.78 -0.45
N TYR A 394 -11.86 19.50 -0.72
CA TYR A 394 -10.83 19.76 0.27
C TYR A 394 -9.72 20.71 -0.21
N CYS A 395 -9.15 20.47 -1.41
CA CYS A 395 -8.04 21.29 -1.91
C CYS A 395 -8.51 22.63 -2.46
N PHE A 396 -9.55 22.64 -3.31
CA PHE A 396 -10.02 23.86 -3.96
C PHE A 396 -10.75 24.82 -2.99
N VAL A 397 -11.16 24.32 -1.81
CA VAL A 397 -11.81 25.17 -0.79
C VAL A 397 -11.01 25.06 0.55
N GLY A 398 -9.71 24.80 0.43
CA GLY A 398 -8.78 24.66 1.55
C GLY A 398 -8.45 25.98 2.22
N ASN A 399 -8.02 26.98 1.43
CA ASN A 399 -7.67 28.32 1.92
C ASN A 399 -8.88 29.04 2.52
N ARG A 400 -10.05 28.92 1.85
CA ARG A 400 -11.34 29.52 2.20
C ARG A 400 -11.82 29.06 3.60
N PHE A 401 -11.68 27.75 3.91
CA PHE A 401 -12.09 27.17 5.18
C PHE A 401 -11.33 27.76 6.37
N GLN A 402 -9.98 27.87 6.25
CA GLN A 402 -9.08 28.41 7.27
C GLN A 402 -9.28 29.91 7.49
N GLN A 403 -9.41 30.70 6.41
CA GLN A 403 -9.61 32.16 6.46
C GLN A 403 -10.95 32.54 7.07
N LYS A 404 -12.01 31.77 6.81
CA LYS A 404 -13.35 32.03 7.35
C LYS A 404 -13.49 31.51 8.80
N LEU A 405 -12.62 30.55 9.22
CA LEU A 405 -12.63 29.99 10.58
C LEU A 405 -11.83 30.90 11.53
N ARG A 406 -10.70 31.46 11.06
CA ARG A 406 -9.87 32.40 11.83
C ARG A 406 -10.57 33.76 11.97
N SER A 407 -11.69 33.96 11.24
CA SER A 407 -12.53 35.16 11.27
C SER A 407 -13.58 35.07 12.38
N VAL A 408 -14.35 33.96 12.44
CA VAL A 408 -15.42 33.69 13.42
C VAL A 408 -14.85 33.57 14.86
N PHE A 409 -13.67 32.92 15.03
CA PHE A 409 -13.02 32.73 16.34
C PHE A 409 -12.53 34.06 16.96
N ASP B 2 25.98 11.86 36.38
CA ASP B 2 25.40 13.15 36.74
C ASP B 2 24.72 13.82 35.52
N LEU B 3 25.34 13.74 34.32
CA LEU B 3 24.79 14.31 33.08
C LEU B 3 23.69 13.40 32.53
N GLU B 4 23.88 12.07 32.60
CA GLU B 4 22.93 11.06 32.15
C GLU B 4 21.71 11.06 33.08
N ASP B 5 21.89 11.45 34.36
CA ASP B 5 20.86 11.53 35.41
C ASP B 5 19.95 12.75 35.23
N ASN B 6 20.43 13.83 34.57
CA ASN B 6 19.64 15.04 34.32
C ASN B 6 18.90 14.94 32.99
N TRP B 7 19.53 14.29 31.98
CA TRP B 7 18.91 14.08 30.67
C TRP B 7 17.82 13.02 30.77
N GLU B 8 18.01 12.00 31.65
CA GLU B 8 17.01 10.97 31.92
C GLU B 8 15.74 11.61 32.47
N THR B 9 15.89 12.63 33.35
CA THR B 9 14.80 13.40 33.95
C THR B 9 14.07 14.22 32.85
N LEU B 10 14.83 14.89 31.97
CA LEU B 10 14.29 15.71 30.88
C LEU B 10 13.55 14.85 29.84
N ASN B 11 14.08 13.65 29.55
CA ASN B 11 13.49 12.71 28.60
C ASN B 11 12.31 11.93 29.22
N ASP B 12 12.36 11.67 30.54
CA ASP B 12 11.30 10.97 31.28
C ASP B 12 10.03 11.82 31.28
N ASN B 13 10.16 13.11 31.65
CA ASN B 13 9.06 14.06 31.72
C ASN B 13 8.51 14.42 30.33
N LEU B 14 9.34 14.28 29.28
CA LEU B 14 8.90 14.52 27.89
C LEU B 14 7.80 13.51 27.52
N LYS B 15 7.97 12.23 27.94
CA LYS B 15 7.02 11.13 27.73
C LYS B 15 5.74 11.39 28.52
N VAL B 16 5.90 11.94 29.75
CA VAL B 16 4.82 12.29 30.69
C VAL B 16 3.91 13.35 30.03
N ILE B 17 4.50 14.39 29.39
CA ILE B 17 3.77 15.47 28.72
C ILE B 17 2.87 14.90 27.60
N GLU B 18 3.39 13.92 26.83
CA GLU B 18 2.65 13.28 25.73
C GLU B 18 1.46 12.43 26.24
N LYS B 19 1.62 11.76 27.40
CA LYS B 19 0.58 10.90 27.98
C LYS B 19 -0.33 11.67 28.96
N ALA B 20 -0.05 12.97 29.21
CA ALA B 20 -0.83 13.82 30.11
C ALA B 20 -2.16 14.24 29.47
N ASP B 21 -3.21 14.38 30.29
CA ASP B 21 -4.55 14.77 29.85
C ASP B 21 -4.94 16.16 30.35
N ASN B 22 -4.38 16.59 31.50
CA ASN B 22 -4.64 17.90 32.11
C ASN B 22 -3.40 18.80 32.07
N ALA B 23 -3.62 20.14 32.10
CA ALA B 23 -2.56 21.16 32.06
C ALA B 23 -1.74 21.18 33.37
N ALA B 24 -2.35 20.73 34.48
CA ALA B 24 -1.70 20.62 35.79
C ALA B 24 -0.62 19.54 35.76
N GLN B 25 -0.87 18.46 34.98
CA GLN B 25 0.05 17.34 34.75
C GLN B 25 1.24 17.80 33.92
N VAL B 26 0.97 18.63 32.89
CA VAL B 26 1.94 19.18 31.94
C VAL B 26 2.86 20.20 32.64
N LYS B 27 2.28 21.14 33.43
CA LYS B 27 3.03 22.16 34.17
C LYS B 27 3.99 21.53 35.19
N ASP B 28 3.55 20.41 35.81
CA ASP B 28 4.31 19.65 36.81
C ASP B 28 5.58 19.01 36.21
N ALA B 29 5.46 18.44 34.99
CA ALA B 29 6.57 17.83 34.28
C ALA B 29 7.56 18.89 33.75
N LEU B 30 7.03 20.03 33.26
CA LEU B 30 7.83 21.14 32.74
C LEU B 30 8.63 21.84 33.84
N THR B 31 8.10 21.86 35.10
CA THR B 31 8.76 22.45 36.27
C THR B 31 9.97 21.57 36.66
N LYS B 32 9.80 20.23 36.60
CA LYS B 32 10.85 19.24 36.89
C LYS B 32 11.95 19.31 35.81
N MET B 33 11.56 19.69 34.58
CA MET B 33 12.47 19.83 33.45
C MET B 33 13.33 21.07 33.60
N ARG B 34 12.68 22.23 33.91
CA ARG B 34 13.35 23.54 34.06
C ARG B 34 14.44 23.47 35.11
N ALA B 35 14.17 22.80 36.26
CA ALA B 35 15.13 22.62 37.33
C ALA B 35 16.31 21.76 36.86
N ALA B 36 16.03 20.64 36.18
CA ALA B 36 17.02 19.70 35.65
C ALA B 36 17.90 20.34 34.56
N ALA B 37 17.31 21.21 33.71
CA ALA B 37 18.01 21.93 32.64
C ALA B 37 18.99 22.96 33.22
N LEU B 38 18.59 23.64 34.31
CA LEU B 38 19.43 24.63 35.01
C LEU B 38 20.56 23.93 35.76
N ASP B 39 20.27 22.73 36.30
CA ASP B 39 21.20 21.90 37.06
C ASP B 39 22.21 21.23 36.14
N ALA B 40 21.82 20.96 34.88
CA ALA B 40 22.69 20.32 33.88
C ALA B 40 23.62 21.35 33.23
N GLN B 41 23.16 22.61 33.16
CA GLN B 41 23.83 23.78 32.58
C GLN B 41 25.20 24.07 33.24
N LYS B 42 25.35 23.72 34.53
CA LYS B 42 26.55 23.97 35.35
C LYS B 42 27.55 22.79 35.33
N ALA B 43 27.06 21.57 35.01
CA ALA B 43 27.85 20.35 34.95
C ALA B 43 28.70 20.24 33.68
N THR B 44 29.82 19.49 33.76
CA THR B 44 30.74 19.22 32.64
C THR B 44 30.56 17.75 32.21
N PRO B 45 30.26 17.48 30.91
CA PRO B 45 30.01 16.09 30.48
C PRO B 45 31.26 15.18 30.52
N PRO B 46 31.11 13.82 30.52
CA PRO B 46 32.29 12.94 30.56
C PRO B 46 33.09 12.92 29.24
N LYS B 47 32.58 13.62 28.20
CA LYS B 47 33.21 13.75 26.88
C LYS B 47 34.08 15.01 26.86
N LEU B 48 33.67 16.06 27.60
CA LEU B 48 34.38 17.34 27.68
C LEU B 48 34.79 17.67 29.15
N GLU B 49 35.06 16.61 29.96
CA GLU B 49 35.47 16.75 31.36
C GLU B 49 36.89 17.35 31.50
N ASP B 50 37.72 17.18 30.46
CA ASP B 50 39.09 17.71 30.39
C ASP B 50 39.10 19.17 29.92
N LYS B 51 38.11 19.56 29.07
CA LYS B 51 37.95 20.88 28.46
C LYS B 51 37.78 22.01 29.49
N SER B 52 38.18 23.23 29.09
CA SER B 52 38.12 24.44 29.93
C SER B 52 36.73 25.11 29.83
N PRO B 53 36.27 25.82 30.90
CA PRO B 53 34.93 26.46 30.84
C PRO B 53 34.83 27.69 29.92
N ASP B 54 35.97 28.33 29.59
CA ASP B 54 35.99 29.53 28.75
C ASP B 54 36.20 29.21 27.25
N SER B 55 36.31 27.92 26.89
CA SER B 55 36.50 27.45 25.52
C SER B 55 35.24 27.72 24.63
N PRO B 56 35.37 27.89 23.29
CA PRO B 56 34.17 28.14 22.46
C PRO B 56 33.15 26.99 22.45
N GLU B 57 33.58 25.76 22.80
CA GLU B 57 32.74 24.57 22.90
C GLU B 57 31.81 24.69 24.11
N MET B 58 32.33 25.35 25.18
CA MET B 58 31.63 25.64 26.44
C MET B 58 31.08 27.07 26.43
N LYS B 59 30.69 27.55 25.24
CA LYS B 59 30.07 28.84 24.95
C LYS B 59 28.77 28.61 24.22
N ASP B 60 28.76 27.58 23.33
CA ASP B 60 27.61 27.19 22.52
C ASP B 60 26.76 26.09 23.17
N PHE B 61 27.42 25.12 23.86
CA PHE B 61 26.73 24.02 24.53
C PHE B 61 25.98 24.52 25.77
N ARG B 62 26.44 25.65 26.35
CA ARG B 62 25.80 26.31 27.50
C ARG B 62 24.64 27.15 26.99
N HIS B 63 24.82 27.80 25.82
CA HIS B 63 23.83 28.59 25.09
C HIS B 63 22.68 27.69 24.65
N GLY B 64 23.00 26.42 24.35
CA GLY B 64 22.03 25.39 23.97
C GLY B 64 21.00 25.14 25.06
N PHE B 65 21.43 25.22 26.34
CA PHE B 65 20.56 25.03 27.49
C PHE B 65 19.68 26.26 27.71
N ASP B 66 20.18 27.46 27.40
CA ASP B 66 19.43 28.72 27.53
C ASP B 66 18.25 28.70 26.58
N ILE B 67 18.42 28.05 25.40
CA ILE B 67 17.40 27.84 24.38
C ILE B 67 16.36 26.87 24.95
N LEU B 68 16.84 25.75 25.54
CA LEU B 68 16.05 24.68 26.15
C LEU B 68 15.19 25.20 27.31
N VAL B 69 15.74 26.07 28.17
CA VAL B 69 15.03 26.69 29.31
C VAL B 69 14.00 27.68 28.75
N GLY B 70 14.39 28.43 27.72
CA GLY B 70 13.52 29.39 27.03
C GLY B 70 12.30 28.75 26.41
N GLN B 71 12.47 27.56 25.80
CA GLN B 71 11.41 26.75 25.20
C GLN B 71 10.50 26.15 26.28
N ILE B 72 11.06 25.80 27.47
CA ILE B 72 10.31 25.26 28.61
C ILE B 72 9.37 26.37 29.14
N ASP B 73 9.88 27.62 29.25
CA ASP B 73 9.13 28.80 29.71
C ASP B 73 7.97 29.16 28.76
N ASP B 74 8.15 28.96 27.44
CA ASP B 74 7.13 29.20 26.42
C ASP B 74 5.97 28.21 26.62
N ALA B 75 6.32 26.93 26.85
CA ALA B 75 5.41 25.83 27.11
C ALA B 75 4.72 26.03 28.47
N LEU B 76 5.44 26.59 29.45
CA LEU B 76 4.93 26.90 30.80
C LEU B 76 3.88 28.00 30.73
N LYS B 77 4.10 29.01 29.86
CA LYS B 77 3.18 30.13 29.64
C LYS B 77 1.84 29.64 29.06
N LEU B 78 1.88 28.59 28.22
CA LEU B 78 0.70 27.97 27.61
C LEU B 78 -0.06 27.13 28.65
N ALA B 79 0.67 26.31 29.43
CA ALA B 79 0.14 25.43 30.47
C ALA B 79 -0.54 26.22 31.60
N ASN B 80 0.02 27.40 31.97
CA ASN B 80 -0.52 28.30 33.00
C ASN B 80 -1.81 28.99 32.54
N GLU B 81 -1.99 29.12 31.20
CA GLU B 81 -3.18 29.70 30.57
C GLU B 81 -4.26 28.61 30.39
N GLY B 82 -3.88 27.35 30.63
CA GLY B 82 -4.75 26.18 30.49
C GLY B 82 -4.86 25.72 29.06
N LYS B 83 -3.70 25.55 28.39
CA LYS B 83 -3.61 25.17 26.98
C LYS B 83 -2.77 23.89 26.84
N VAL B 84 -3.42 22.73 27.03
CA VAL B 84 -2.80 21.39 27.00
C VAL B 84 -2.19 21.10 25.62
N LYS B 85 -3.03 21.07 24.56
CA LYS B 85 -2.64 20.79 23.17
C LYS B 85 -1.52 21.71 22.67
N GLU B 86 -1.49 22.97 23.13
CA GLU B 86 -0.51 23.98 22.77
C GLU B 86 0.81 23.75 23.52
N ALA B 87 0.73 23.41 24.84
CA ALA B 87 1.91 23.12 25.66
C ALA B 87 2.57 21.80 25.26
N GLN B 88 1.75 20.81 24.80
CA GLN B 88 2.23 19.51 24.31
C GLN B 88 2.94 19.66 22.96
N ALA B 89 2.50 20.65 22.15
CA ALA B 89 3.07 21.00 20.84
C ALA B 89 4.43 21.67 21.02
N ALA B 90 4.57 22.51 22.06
CA ALA B 90 5.81 23.22 22.41
C ALA B 90 6.87 22.26 22.95
N ALA B 91 6.41 21.12 23.53
CA ALA B 91 7.26 20.05 24.05
C ALA B 91 7.93 19.25 22.91
N GLU B 92 7.26 19.19 21.74
CA GLU B 92 7.78 18.52 20.53
C GLU B 92 9.01 19.28 19.98
N GLN B 93 9.07 20.61 20.23
CA GLN B 93 10.16 21.48 19.80
C GLN B 93 11.42 21.21 20.63
N LEU B 94 11.27 20.76 21.89
CA LEU B 94 12.38 20.40 22.80
C LEU B 94 13.15 19.18 22.26
N LYS B 95 12.42 18.24 21.60
CA LYS B 95 12.98 17.04 20.95
C LYS B 95 14.04 17.44 19.92
N THR B 96 13.76 18.50 19.14
CA THR B 96 14.62 19.06 18.10
C THR B 96 15.88 19.71 18.74
N THR B 97 15.73 20.26 19.97
CA THR B 97 16.85 20.88 20.70
C THR B 97 17.76 19.78 21.26
N ARG B 98 17.14 18.68 21.77
CA ARG B 98 17.83 17.50 22.32
C ARG B 98 18.72 16.82 21.26
N ASN B 99 18.24 16.80 19.99
CA ASN B 99 18.94 16.21 18.84
C ASN B 99 20.06 17.13 18.34
N ALA B 100 19.86 18.46 18.44
CA ALA B 100 20.84 19.46 18.03
C ALA B 100 22.02 19.54 18.98
N TYR B 101 21.82 19.21 20.28
CA TYR B 101 22.84 19.22 21.34
C TYR B 101 24.12 18.50 20.87
N LEU B 120 37.19 13.87 1.36
CA LEU B 120 37.99 12.82 0.74
C LEU B 120 37.98 12.97 -0.77
N ASP B 121 39.16 12.90 -1.42
CA ASP B 121 39.30 12.99 -2.87
C ASP B 121 38.83 11.70 -3.54
N ALA B 122 38.89 10.57 -2.81
CA ALA B 122 38.48 9.25 -3.29
C ALA B 122 37.00 9.22 -3.72
N ILE B 123 36.11 9.92 -2.98
CA ILE B 123 34.67 9.94 -3.27
C ILE B 123 34.38 10.51 -4.69
N PRO B 124 34.82 11.74 -5.11
CA PRO B 124 34.50 12.19 -6.48
C PRO B 124 35.01 11.26 -7.60
N ILE B 125 36.24 10.70 -7.45
CA ILE B 125 36.86 9.76 -8.41
C ILE B 125 35.98 8.53 -8.58
N LEU B 126 35.47 7.99 -7.46
CA LEU B 126 34.62 6.81 -7.39
C LEU B 126 33.25 7.05 -8.02
N TYR B 127 32.76 8.30 -7.98
CA TYR B 127 31.49 8.68 -8.56
C TYR B 127 31.59 8.71 -10.08
N TYR B 128 32.74 9.19 -10.59
CA TYR B 128 32.98 9.23 -12.02
C TYR B 128 33.33 7.86 -12.60
N ILE B 129 34.23 7.09 -11.95
CA ILE B 129 34.63 5.78 -12.49
C ILE B 129 33.40 4.85 -12.69
N ILE B 130 32.38 4.94 -11.82
CA ILE B 130 31.20 4.09 -11.95
C ILE B 130 30.17 4.73 -12.89
N PHE B 131 30.34 6.02 -13.19
CA PHE B 131 29.44 6.72 -14.09
C PHE B 131 29.66 6.20 -15.50
N VAL B 132 30.90 6.31 -16.01
CA VAL B 132 31.29 5.91 -17.37
C VAL B 132 31.02 4.43 -17.63
N ILE B 133 31.31 3.57 -16.64
CA ILE B 133 31.10 2.13 -16.70
C ILE B 133 29.62 1.84 -16.87
N GLY B 134 28.81 2.40 -15.96
CA GLY B 134 27.35 2.26 -15.94
C GLY B 134 26.66 2.77 -17.18
N PHE B 135 27.21 3.83 -17.78
CA PHE B 135 26.69 4.43 -19.01
C PHE B 135 27.04 3.54 -20.18
N LEU B 136 28.25 2.96 -20.16
CA LEU B 136 28.73 2.05 -21.20
C LEU B 136 27.92 0.75 -21.20
N VAL B 137 27.77 0.06 -20.04
CA VAL B 137 27.02 -1.20 -19.98
C VAL B 137 25.51 -1.00 -20.33
N ASN B 138 24.91 0.15 -19.93
CA ASN B 138 23.50 0.43 -20.22
C ASN B 138 23.28 0.96 -21.65
N ILE B 139 24.31 1.58 -22.29
CA ILE B 139 24.16 2.03 -23.67
C ILE B 139 24.29 0.79 -24.57
N VAL B 140 24.95 -0.29 -24.06
CA VAL B 140 25.11 -1.57 -24.74
C VAL B 140 23.75 -2.28 -24.77
N VAL B 141 22.97 -2.22 -23.66
CA VAL B 141 21.63 -2.82 -23.51
C VAL B 141 20.65 -2.16 -24.51
N VAL B 142 20.55 -0.82 -24.50
CA VAL B 142 19.67 -0.03 -25.39
C VAL B 142 20.03 -0.33 -26.87
N THR B 143 21.34 -0.47 -27.17
CA THR B 143 21.76 -0.73 -28.54
C THR B 143 21.51 -2.17 -28.95
N LEU B 144 21.80 -3.16 -28.08
CA LEU B 144 21.59 -4.54 -28.47
C LEU B 144 20.09 -4.83 -28.62
N PHE B 145 19.24 -4.24 -27.75
CA PHE B 145 17.78 -4.35 -27.82
C PHE B 145 17.26 -3.73 -29.12
N CYS B 146 17.97 -2.71 -29.62
CA CYS B 146 17.66 -2.02 -30.86
C CYS B 146 18.03 -2.88 -32.05
N LYS B 153 9.32 -8.90 -27.22
CA LYS B 153 8.79 -9.57 -26.03
C LYS B 153 8.48 -8.59 -24.91
N VAL B 154 7.53 -8.96 -24.04
CA VAL B 154 7.06 -8.17 -22.89
C VAL B 154 8.20 -7.93 -21.90
N SER B 155 8.98 -8.99 -21.58
CA SER B 155 10.15 -8.98 -20.69
C SER B 155 11.19 -8.01 -21.21
N SER B 156 11.40 -7.96 -22.56
CA SER B 156 12.35 -7.09 -23.25
C SER B 156 11.92 -5.62 -23.20
N ILE B 157 10.60 -5.37 -23.08
CA ILE B 157 10.07 -4.01 -22.99
C ILE B 157 10.39 -3.43 -21.60
N TYR B 158 10.43 -4.28 -20.55
CA TYR B 158 10.78 -3.81 -19.21
C TYR B 158 12.30 -3.57 -19.13
N ILE B 159 13.13 -4.35 -19.88
CA ILE B 159 14.60 -4.20 -19.92
C ILE B 159 14.95 -2.81 -20.47
N PHE B 160 14.31 -2.40 -21.58
CA PHE B 160 14.52 -1.09 -22.20
C PHE B 160 14.24 0.04 -21.21
N ASN B 161 13.06 0.02 -20.58
CA ASN B 161 12.65 1.04 -19.63
C ASN B 161 13.60 1.11 -18.45
N LEU B 162 14.02 -0.04 -17.90
CA LEU B 162 14.96 -0.11 -16.78
C LEU B 162 16.32 0.47 -17.20
N ALA B 163 16.80 0.15 -18.42
CA ALA B 163 18.07 0.66 -18.97
C ALA B 163 18.02 2.17 -19.18
N VAL B 164 16.84 2.69 -19.61
CA VAL B 164 16.62 4.13 -19.82
C VAL B 164 16.65 4.85 -18.44
N ALA B 165 15.91 4.32 -17.45
CA ALA B 165 15.84 4.85 -16.08
C ALA B 165 17.21 4.82 -15.39
N ASP B 166 18.03 3.78 -15.68
CA ASP B 166 19.39 3.64 -15.15
C ASP B 166 20.31 4.67 -15.79
N LEU B 167 20.20 4.87 -17.12
CA LEU B 167 21.00 5.82 -17.88
C LEU B 167 20.79 7.26 -17.37
N LEU B 168 19.54 7.65 -17.09
CA LEU B 168 19.22 9.02 -16.63
C LEU B 168 19.71 9.26 -15.20
N LEU B 169 19.74 8.21 -14.38
CA LEU B 169 20.16 8.26 -13.00
C LEU B 169 21.69 8.41 -12.90
N LEU B 170 22.42 7.69 -13.77
CA LEU B 170 23.88 7.72 -13.83
C LEU B 170 24.36 9.06 -14.35
N ALA B 171 23.60 9.65 -15.30
CA ALA B 171 23.89 10.96 -15.89
C ALA B 171 23.96 12.10 -14.84
N THR B 172 23.34 11.93 -13.66
CA THR B 172 23.35 12.97 -12.61
C THR B 172 24.60 12.83 -11.69
N LEU B 173 25.44 11.77 -11.85
CA LEU B 173 26.64 11.54 -11.02
C LEU B 173 27.66 12.68 -11.10
N PRO B 174 27.97 13.29 -12.28
CA PRO B 174 28.93 14.42 -12.29
C PRO B 174 28.50 15.59 -11.41
N LEU B 175 27.18 15.84 -11.31
CA LEU B 175 26.60 16.92 -10.51
C LEU B 175 26.89 16.71 -9.02
N TRP B 176 26.68 15.49 -8.49
CA TRP B 176 26.92 15.19 -7.07
C TRP B 176 28.42 15.08 -6.75
N ALA B 177 29.26 14.77 -7.77
CA ALA B 177 30.72 14.70 -7.63
C ALA B 177 31.30 16.12 -7.46
N THR B 178 30.78 17.09 -8.24
CA THR B 178 31.16 18.50 -8.20
C THR B 178 30.63 19.14 -6.90
N TYR B 179 29.38 18.78 -6.50
CA TYR B 179 28.73 19.24 -5.27
C TYR B 179 29.54 18.85 -4.03
N TYR B 180 30.16 17.64 -4.05
CA TYR B 180 30.99 17.15 -2.96
C TYR B 180 32.41 17.74 -3.03
N SER B 181 32.90 18.08 -4.25
CA SER B 181 34.23 18.68 -4.47
C SER B 181 34.33 20.09 -3.87
N TYR B 182 33.19 20.78 -3.76
CA TYR B 182 33.06 22.11 -3.18
C TYR B 182 32.57 21.99 -1.72
N ARG B 183 32.69 20.77 -1.13
CA ARG B 183 32.33 20.38 0.23
C ARG B 183 30.89 20.82 0.61
N TYR B 184 29.87 20.27 -0.11
CA TYR B 184 28.43 20.52 0.02
C TYR B 184 28.12 22.00 -0.27
N ASP B 185 28.20 22.40 -1.56
CA ASP B 185 27.97 23.76 -2.02
C ASP B 185 27.13 23.78 -3.29
N TRP B 186 26.02 24.53 -3.31
CA TRP B 186 25.18 24.64 -4.49
C TRP B 186 25.42 25.96 -5.23
N LEU B 187 26.00 25.87 -6.44
CA LEU B 187 26.33 27.02 -7.30
C LEU B 187 25.59 26.96 -8.65
N PHE B 188 24.55 26.08 -8.76
CA PHE B 188 23.78 25.85 -9.97
C PHE B 188 22.43 26.61 -10.00
N GLY B 189 21.94 27.01 -8.83
CA GLY B 189 20.67 27.72 -8.72
C GLY B 189 19.62 26.97 -7.94
N PRO B 190 18.71 27.70 -7.24
CA PRO B 190 17.68 27.01 -6.44
C PRO B 190 16.63 26.25 -7.26
N VAL B 191 16.49 26.60 -8.56
CA VAL B 191 15.56 25.94 -9.48
C VAL B 191 16.16 24.57 -9.84
N MET B 192 17.47 24.51 -10.12
CA MET B 192 18.19 23.27 -10.41
C MET B 192 18.15 22.31 -9.22
N CYS B 193 18.07 22.85 -7.99
CA CYS B 193 18.00 22.09 -6.73
C CYS B 193 16.68 21.29 -6.69
N LYS B 194 15.57 21.89 -7.16
CA LYS B 194 14.27 21.23 -7.24
C LYS B 194 14.19 20.32 -8.46
N VAL B 195 14.65 20.82 -9.64
CA VAL B 195 14.60 20.12 -10.94
C VAL B 195 15.49 18.86 -10.92
N PHE B 196 16.79 19.00 -10.67
CA PHE B 196 17.71 17.86 -10.65
C PHE B 196 17.54 16.99 -9.40
N GLY B 197 17.00 17.58 -8.32
CA GLY B 197 16.71 16.87 -7.09
C GLY B 197 15.58 15.86 -7.29
N SER B 198 14.50 16.28 -7.96
CA SER B 198 13.33 15.45 -8.28
C SER B 198 13.64 14.45 -9.40
N PHE B 199 14.39 14.89 -10.44
CA PHE B 199 14.77 14.05 -11.58
C PHE B 199 15.54 12.82 -11.08
N LEU B 200 16.39 13.03 -10.06
CA LEU B 200 17.18 11.98 -9.42
C LEU B 200 16.26 10.93 -8.77
N THR B 201 15.26 11.39 -7.98
CA THR B 201 14.30 10.56 -7.25
C THR B 201 13.34 9.83 -8.24
N LEU B 202 12.87 10.53 -9.30
CA LEU B 202 11.96 9.99 -10.32
C LEU B 202 12.55 8.75 -11.01
N ASN B 203 13.84 8.81 -11.40
CA ASN B 203 14.53 7.72 -12.09
C ASN B 203 15.05 6.65 -11.15
N MET B 204 15.32 7.01 -9.87
CA MET B 204 15.79 6.03 -8.88
C MET B 204 14.63 5.06 -8.58
N PHE B 205 13.41 5.60 -8.37
CA PHE B 205 12.20 4.81 -8.13
C PHE B 205 11.80 4.03 -9.38
N ALA B 206 11.86 4.65 -10.58
CA ALA B 206 11.51 3.99 -11.85
C ALA B 206 12.44 2.79 -12.12
N SER B 207 13.71 2.86 -11.66
CA SER B 207 14.67 1.76 -11.78
C SER B 207 14.29 0.62 -10.81
N ILE B 208 13.91 0.97 -9.55
CA ILE B 208 13.50 0.03 -8.49
C ILE B 208 12.18 -0.66 -8.87
N PHE B 209 11.18 0.13 -9.33
CA PHE B 209 9.86 -0.36 -9.70
C PHE B 209 9.88 -1.22 -10.96
N PHE B 210 10.89 -1.06 -11.85
CA PHE B 210 10.98 -1.90 -13.05
C PHE B 210 11.73 -3.21 -12.72
N ILE B 211 12.57 -3.22 -11.65
CA ILE B 211 13.27 -4.42 -11.17
C ILE B 211 12.20 -5.38 -10.63
N THR B 212 11.17 -4.80 -9.95
CA THR B 212 10.02 -5.48 -9.36
C THR B 212 9.17 -6.11 -10.48
N CYS B 213 8.88 -5.35 -11.56
CA CYS B 213 8.14 -5.81 -12.74
C CYS B 213 8.81 -7.06 -13.33
N MET B 214 10.16 -6.98 -13.46
CA MET B 214 11.01 -8.05 -14.00
C MET B 214 10.94 -9.32 -13.16
N SER B 215 10.88 -9.19 -11.82
CA SER B 215 10.78 -10.31 -10.90
C SER B 215 9.40 -10.97 -10.95
N VAL B 216 8.33 -10.16 -11.10
CA VAL B 216 6.94 -10.63 -11.21
C VAL B 216 6.75 -11.37 -12.54
N ASP B 217 7.36 -10.87 -13.63
CA ASP B 217 7.28 -11.47 -14.97
C ASP B 217 7.98 -12.83 -15.00
N ARG B 218 9.22 -12.91 -14.46
CA ARG B 218 10.02 -14.14 -14.37
C ARG B 218 9.30 -15.19 -13.54
N TYR B 219 8.54 -14.76 -12.50
CA TYR B 219 7.76 -15.66 -11.67
C TYR B 219 6.53 -16.16 -12.42
N GLN B 220 5.84 -15.25 -13.14
CA GLN B 220 4.64 -15.52 -13.94
C GLN B 220 4.93 -16.54 -15.06
N SER B 221 6.14 -16.46 -15.66
CA SER B 221 6.59 -17.35 -16.73
C SER B 221 7.01 -18.72 -16.17
N VAL B 222 7.61 -18.76 -14.96
CA VAL B 222 8.09 -19.98 -14.27
C VAL B 222 6.88 -20.90 -13.94
N ILE B 223 5.71 -20.31 -13.60
CA ILE B 223 4.52 -21.11 -13.27
C ILE B 223 3.71 -21.47 -14.54
N TYR B 224 3.34 -20.45 -15.36
CA TYR B 224 2.48 -20.62 -16.54
C TYR B 224 3.07 -20.02 -17.85
N PRO B 225 3.21 -20.82 -18.93
CA PRO B 225 3.66 -20.26 -20.22
C PRO B 225 2.45 -19.88 -21.09
N PHE B 226 1.51 -19.06 -20.53
CA PHE B 226 0.27 -18.59 -21.18
C PHE B 226 0.21 -17.08 -21.22
N ALA B 236 1.06 -4.90 -21.07
CA ALA B 236 2.39 -4.32 -20.88
C ALA B 236 2.46 -2.89 -21.39
N SER B 237 1.40 -2.43 -22.08
CA SER B 237 1.30 -1.05 -22.57
C SER B 237 0.57 -0.18 -21.54
N TYR B 238 0.11 -0.82 -20.44
CA TYR B 238 -0.59 -0.20 -19.32
C TYR B 238 0.35 -0.11 -18.09
N ILE B 239 1.20 -1.15 -17.88
CA ILE B 239 2.12 -1.24 -16.75
C ILE B 239 3.24 -0.18 -16.86
N VAL B 240 3.95 -0.13 -18.00
CA VAL B 240 5.03 0.83 -18.21
C VAL B 240 4.55 2.29 -17.87
N PRO B 241 3.43 2.87 -18.42
CA PRO B 241 3.04 4.24 -18.00
C PRO B 241 2.67 4.34 -16.51
N LEU B 242 2.13 3.28 -15.89
CA LEU B 242 1.81 3.26 -14.46
C LEU B 242 3.08 3.33 -13.59
N VAL B 243 4.16 2.62 -14.00
CA VAL B 243 5.43 2.58 -13.28
C VAL B 243 6.09 3.98 -13.26
N TRP B 244 5.91 4.73 -14.34
CA TRP B 244 6.43 6.09 -14.46
C TRP B 244 5.55 7.06 -13.65
N CYS B 245 4.23 6.80 -13.60
CA CYS B 245 3.28 7.61 -12.84
C CYS B 245 3.55 7.47 -11.34
N MET B 246 3.81 6.22 -10.86
CA MET B 246 4.14 5.90 -9.46
C MET B 246 5.46 6.53 -9.06
N ALA B 247 6.42 6.65 -10.00
CA ALA B 247 7.73 7.27 -9.78
C ALA B 247 7.59 8.80 -9.68
N CYS B 248 6.65 9.40 -10.44
CA CYS B 248 6.35 10.83 -10.42
C CYS B 248 5.70 11.23 -9.09
N LEU B 249 4.80 10.39 -8.58
CA LEU B 249 4.09 10.57 -7.31
C LEU B 249 5.03 10.43 -6.10
N SER B 250 5.96 9.45 -6.14
CA SER B 250 6.91 9.18 -5.07
C SER B 250 8.01 10.24 -4.96
N SER B 251 8.19 11.07 -6.02
CA SER B 251 9.19 12.14 -6.06
C SER B 251 8.57 13.53 -5.83
N LEU B 252 7.29 13.60 -5.41
CA LEU B 252 6.60 14.86 -5.14
C LEU B 252 7.10 15.52 -3.84
N PRO B 253 7.40 14.78 -2.72
CA PRO B 253 7.98 15.45 -1.52
C PRO B 253 9.39 16.00 -1.79
N THR B 254 10.07 15.46 -2.81
CA THR B 254 11.39 15.95 -3.24
C THR B 254 11.20 17.33 -3.90
N PHE B 255 10.17 17.49 -4.78
CA PHE B 255 9.90 18.76 -5.43
C PHE B 255 9.31 19.77 -4.43
N TYR B 256 8.56 19.29 -3.43
CA TYR B 256 7.95 20.18 -2.46
C TYR B 256 8.96 20.78 -1.46
N PHE B 257 9.96 19.98 -1.01
CA PHE B 257 10.88 20.41 0.04
C PHE B 257 12.29 20.85 -0.39
N ARG B 258 12.91 20.22 -1.42
CA ARG B 258 14.27 20.57 -1.83
C ARG B 258 14.40 22.05 -2.22
N ASP B 259 15.37 22.76 -1.60
CA ASP B 259 15.69 24.17 -1.88
C ASP B 259 17.08 24.55 -1.35
N VAL B 260 17.66 25.61 -1.95
CA VAL B 260 18.96 26.16 -1.59
C VAL B 260 18.79 26.95 -0.28
N ARG B 261 19.50 26.51 0.78
CA ARG B 261 19.43 27.12 2.11
C ARG B 261 20.82 27.39 2.69
N THR B 262 20.88 28.30 3.67
CA THR B 262 22.12 28.71 4.35
C THR B 262 22.19 28.04 5.73
N ILE B 263 23.11 27.07 5.88
CA ILE B 263 23.34 26.35 7.13
C ILE B 263 24.25 27.20 8.01
N GLU B 264 23.68 27.93 9.00
CA GLU B 264 24.41 28.84 9.89
C GLU B 264 25.53 28.12 10.68
N TYR B 265 25.35 26.81 10.98
CA TYR B 265 26.30 25.96 11.71
C TYR B 265 27.64 25.85 10.96
N LEU B 266 27.60 25.73 9.61
CA LEU B 266 28.79 25.60 8.76
C LEU B 266 29.08 26.85 7.89
N GLY B 267 28.13 27.78 7.83
CA GLY B 267 28.21 29.00 7.03
C GLY B 267 28.32 28.72 5.54
N VAL B 268 27.45 27.84 4.99
CA VAL B 268 27.50 27.43 3.59
C VAL B 268 26.09 27.43 2.91
N ASN B 269 26.02 27.50 1.54
CA ASN B 269 24.78 27.43 0.75
C ASN B 269 24.58 26.02 0.20
N ALA B 270 23.69 25.25 0.83
CA ALA B 270 23.48 23.87 0.44
C ALA B 270 22.06 23.60 -0.05
N CYS B 271 21.97 22.66 -1.01
CA CYS B 271 20.74 22.14 -1.61
C CYS B 271 20.24 21.05 -0.65
N ILE B 272 19.23 21.38 0.18
CA ILE B 272 18.70 20.50 1.23
C ILE B 272 17.17 20.47 1.27
N MET B 273 16.60 19.51 2.03
CA MET B 273 15.15 19.36 2.26
C MET B 273 14.71 20.41 3.30
N ALA B 274 14.23 21.56 2.82
CA ALA B 274 13.85 22.73 3.62
C ALA B 274 12.51 22.52 4.35
N PHE B 275 12.51 21.64 5.37
CA PHE B 275 11.32 21.31 6.16
C PHE B 275 10.94 22.48 7.08
N PRO B 276 9.63 22.67 7.43
CA PRO B 276 9.27 23.77 8.34
C PRO B 276 9.79 23.56 9.77
N PRO B 277 9.97 24.64 10.58
CA PRO B 277 10.43 24.45 11.98
C PRO B 277 9.48 23.60 12.84
N TYR B 280 10.74 20.21 12.39
CA TYR B 280 11.84 19.81 11.50
C TYR B 280 12.29 18.38 11.78
N ALA B 281 12.42 18.02 13.08
CA ALA B 281 12.86 16.68 13.51
C ALA B 281 11.83 15.61 13.13
N GLN B 282 10.53 15.94 13.29
CA GLN B 282 9.38 15.08 12.95
C GLN B 282 9.37 14.76 11.44
N TRP B 283 9.60 15.79 10.61
CA TRP B 283 9.62 15.70 9.15
C TRP B 283 10.79 14.86 8.64
N SER B 284 11.99 15.02 9.22
CA SER B 284 13.19 14.27 8.83
C SER B 284 13.02 12.77 9.14
N ALA B 285 12.35 12.44 10.27
CA ALA B 285 12.07 11.05 10.68
C ALA B 285 10.97 10.43 9.80
N GLY B 286 9.92 11.20 9.51
CA GLY B 286 8.80 10.81 8.66
C GLY B 286 9.20 10.54 7.22
N ILE B 287 10.06 11.41 6.65
CA ILE B 287 10.57 11.29 5.28
C ILE B 287 11.59 10.13 5.20
N ALA B 288 12.45 9.96 6.24
CA ALA B 288 13.43 8.85 6.28
C ALA B 288 12.73 7.49 6.24
N LEU B 289 11.59 7.38 6.95
CA LEU B 289 10.72 6.21 7.03
C LEU B 289 10.06 5.94 5.67
N MET B 290 9.67 6.98 4.91
CA MET B 290 9.06 6.83 3.57
C MET B 290 10.08 6.36 2.53
N LYS B 291 11.38 6.71 2.72
CA LYS B 291 12.48 6.29 1.84
C LYS B 291 12.71 4.77 1.91
N ASN B 292 12.59 4.17 3.12
CA ASN B 292 12.78 2.74 3.39
C ASN B 292 11.59 1.88 2.93
N ILE B 293 10.35 2.31 3.22
CA ILE B 293 9.15 1.56 2.88
C ILE B 293 8.98 1.48 1.35
N LEU B 294 8.94 2.63 0.66
CA LEU B 294 8.74 2.70 -0.80
C LEU B 294 9.94 2.27 -1.63
N GLY B 295 11.14 2.49 -1.10
CA GLY B 295 12.37 2.20 -1.82
C GLY B 295 13.08 0.91 -1.49
N PHE B 296 12.70 0.23 -0.39
CA PHE B 296 13.38 -1.02 -0.01
C PHE B 296 12.45 -2.11 0.51
N ILE B 297 11.61 -1.83 1.54
CA ILE B 297 10.72 -2.80 2.16
C ILE B 297 9.75 -3.40 1.13
N ILE B 298 8.82 -2.59 0.57
CA ILE B 298 7.83 -3.05 -0.41
C ILE B 298 8.53 -3.69 -1.62
N PRO B 299 9.55 -3.05 -2.27
CA PRO B 299 10.21 -3.73 -3.39
C PRO B 299 10.81 -5.08 -2.99
N LEU B 300 11.59 -5.14 -1.88
CA LEU B 300 12.21 -6.38 -1.42
C LEU B 300 11.20 -7.49 -1.11
N ILE B 301 9.97 -7.14 -0.61
CA ILE B 301 8.90 -8.11 -0.36
C ILE B 301 8.66 -8.88 -1.67
N PHE B 302 8.42 -8.14 -2.78
CA PHE B 302 8.17 -8.65 -4.13
C PHE B 302 9.33 -9.47 -4.65
N ILE B 303 10.57 -8.94 -4.62
CA ILE B 303 11.77 -9.63 -5.12
C ILE B 303 11.95 -10.97 -4.39
N ALA B 304 11.79 -10.98 -3.06
CA ALA B 304 11.91 -12.17 -2.23
C ALA B 304 10.77 -13.16 -2.44
N THR B 305 9.49 -12.69 -2.54
CA THR B 305 8.34 -13.58 -2.76
C THR B 305 8.45 -14.31 -4.10
N CYS B 306 8.91 -13.59 -5.14
CA CYS B 306 9.11 -14.12 -6.49
C CYS B 306 10.25 -15.15 -6.52
N TYR B 307 11.38 -14.89 -5.83
CA TYR B 307 12.49 -15.84 -5.79
C TYR B 307 12.07 -17.16 -5.14
N PHE B 308 11.44 -17.10 -3.96
CA PHE B 308 10.99 -18.29 -3.23
C PHE B 308 9.76 -18.93 -3.89
N GLY B 309 9.06 -18.15 -4.72
CA GLY B 309 7.93 -18.62 -5.51
C GLY B 309 8.40 -19.37 -6.73
N ILE B 310 9.65 -19.09 -7.16
CA ILE B 310 10.34 -19.75 -8.29
C ILE B 310 11.12 -20.97 -7.74
N ARG B 311 11.72 -20.82 -6.55
CA ARG B 311 12.46 -21.87 -5.86
C ARG B 311 11.55 -23.02 -5.49
N LYS B 312 10.35 -22.74 -4.94
CA LYS B 312 9.40 -23.79 -4.51
C LYS B 312 8.91 -24.63 -5.71
N HIS B 313 8.56 -23.96 -6.84
CA HIS B 313 8.05 -24.60 -8.06
C HIS B 313 9.09 -25.49 -8.74
N LEU B 314 10.32 -24.98 -8.90
CA LEU B 314 11.38 -25.73 -9.57
C LEU B 314 11.98 -26.84 -8.67
N LEU B 315 11.65 -26.84 -7.37
CA LEU B 315 12.10 -27.87 -6.42
C LEU B 315 11.13 -29.06 -6.42
N LYS B 316 9.83 -28.79 -6.68
CA LYS B 316 8.74 -29.78 -6.72
C LYS B 316 8.81 -30.68 -7.97
N THR B 317 9.67 -30.33 -8.96
CA THR B 317 9.86 -31.06 -10.21
C THR B 317 10.66 -32.36 -10.03
N ASN B 318 11.70 -32.34 -9.15
CA ASN B 318 12.61 -33.45 -8.82
C ASN B 318 13.35 -34.00 -10.07
N SER B 319 14.36 -33.22 -10.51
CA SER B 319 15.25 -33.49 -11.64
C SER B 319 16.43 -34.35 -11.18
N TYR B 320 16.84 -35.32 -12.02
CA TYR B 320 17.90 -36.27 -11.65
C TYR B 320 19.14 -36.24 -12.56
N GLY B 321 18.94 -36.19 -13.87
CA GLY B 321 20.03 -36.20 -14.85
C GLY B 321 20.71 -34.85 -15.00
N LYS B 322 20.93 -34.42 -16.26
CA LYS B 322 21.54 -33.12 -16.58
C LYS B 322 20.53 -31.99 -16.30
N ASN B 323 19.27 -32.37 -16.05
CA ASN B 323 18.17 -31.47 -15.70
C ASN B 323 18.38 -30.95 -14.27
N ARG B 324 19.09 -31.72 -13.41
CA ARG B 324 19.45 -31.31 -12.04
C ARG B 324 20.53 -30.22 -12.11
N ILE B 325 21.41 -30.31 -13.12
CA ILE B 325 22.46 -29.34 -13.42
C ILE B 325 21.81 -28.09 -14.02
N THR B 326 20.80 -28.27 -14.90
CA THR B 326 20.05 -27.20 -15.57
C THR B 326 19.17 -26.42 -14.58
N ARG B 327 18.45 -27.10 -13.66
CA ARG B 327 17.59 -26.44 -12.67
C ARG B 327 18.41 -25.58 -11.69
N ASP B 328 19.60 -26.07 -11.29
CA ASP B 328 20.51 -25.35 -10.39
C ASP B 328 20.97 -24.02 -11.01
N GLN B 329 21.29 -24.04 -12.33
CA GLN B 329 21.73 -22.88 -13.11
C GLN B 329 20.63 -21.81 -13.20
N VAL B 330 19.35 -22.22 -13.37
CA VAL B 330 18.17 -21.34 -13.43
C VAL B 330 17.96 -20.68 -12.06
N LEU B 331 18.13 -21.47 -10.99
CA LEU B 331 18.02 -21.06 -9.60
C LEU B 331 19.08 -20.05 -9.20
N LYS B 332 20.30 -20.17 -9.80
CA LYS B 332 21.43 -19.26 -9.57
C LYS B 332 21.13 -17.88 -10.15
N MET B 333 20.46 -17.83 -11.32
CA MET B 333 20.05 -16.60 -12.00
C MET B 333 18.93 -15.90 -11.21
N ALA B 334 18.06 -16.69 -10.57
CA ALA B 334 16.97 -16.19 -9.73
C ALA B 334 17.52 -15.63 -8.41
N ALA B 335 18.56 -16.29 -7.87
CA ALA B 335 19.20 -15.91 -6.61
C ALA B 335 20.01 -14.63 -6.74
N ALA B 336 20.62 -14.40 -7.91
CA ALA B 336 21.49 -13.26 -8.22
C ALA B 336 20.76 -11.92 -8.13
N VAL B 337 19.56 -11.82 -8.76
CA VAL B 337 18.78 -10.58 -8.79
C VAL B 337 18.32 -10.11 -7.40
N VAL B 338 18.04 -11.05 -6.46
CA VAL B 338 17.59 -10.70 -5.11
C VAL B 338 18.81 -10.36 -4.22
N LEU B 339 19.93 -11.09 -4.38
CA LEU B 339 21.13 -10.86 -3.60
C LEU B 339 21.82 -9.55 -4.00
N ALA B 340 21.83 -9.19 -5.31
CA ALA B 340 22.42 -7.95 -5.82
C ALA B 340 21.66 -6.71 -5.34
N PHE B 341 20.33 -6.83 -5.15
CA PHE B 341 19.50 -5.73 -4.66
C PHE B 341 19.84 -5.40 -3.20
N ILE B 342 19.97 -6.41 -2.33
CA ILE B 342 20.26 -6.17 -0.91
C ILE B 342 21.73 -5.75 -0.69
N ILE B 343 22.67 -6.19 -1.55
CA ILE B 343 24.06 -5.77 -1.40
C ILE B 343 24.19 -4.26 -1.74
N CYS B 344 23.49 -3.82 -2.78
CA CYS B 344 23.52 -2.44 -3.27
C CYS B 344 22.69 -1.45 -2.45
N TRP B 345 21.50 -1.83 -1.96
CA TRP B 345 20.62 -0.89 -1.27
C TRP B 345 20.51 -1.05 0.27
N LEU B 346 20.80 -2.23 0.86
CA LEU B 346 20.68 -2.40 2.32
C LEU B 346 21.65 -1.47 3.09
N PRO B 347 22.97 -1.32 2.75
CA PRO B 347 23.84 -0.42 3.53
C PRO B 347 23.28 1.02 3.69
N PHE B 348 22.74 1.62 2.60
CA PHE B 348 22.15 2.96 2.63
C PHE B 348 20.86 3.02 3.46
N HIS B 349 19.96 2.03 3.29
CA HIS B 349 18.67 2.00 3.99
C HIS B 349 18.85 1.73 5.49
N VAL B 350 19.94 1.05 5.90
CA VAL B 350 20.29 0.78 7.31
C VAL B 350 20.67 2.12 7.94
N LEU B 351 21.54 2.88 7.26
CA LEU B 351 22.03 4.20 7.66
C LEU B 351 20.89 5.23 7.78
N THR B 352 19.89 5.13 6.88
CA THR B 352 18.70 5.99 6.83
C THR B 352 17.77 5.67 8.03
N PHE B 353 17.63 4.38 8.41
CA PHE B 353 16.79 4.00 9.56
C PHE B 353 17.45 4.43 10.87
N LEU B 354 18.79 4.34 10.96
CA LEU B 354 19.58 4.75 12.13
C LEU B 354 19.48 6.26 12.32
N ASP B 355 19.45 7.01 11.19
CA ASP B 355 19.30 8.46 11.15
C ASP B 355 17.90 8.88 11.60
N ALA B 356 16.86 8.09 11.22
CA ALA B 356 15.47 8.33 11.60
C ALA B 356 15.28 8.27 13.11
N LEU B 357 15.96 7.29 13.77
CA LEU B 357 15.94 7.08 15.22
C LEU B 357 16.63 8.22 15.96
N ALA B 358 17.62 8.87 15.31
CA ALA B 358 18.35 10.01 15.86
C ALA B 358 17.40 11.21 15.99
N TRP B 359 16.55 11.46 14.97
CA TRP B 359 15.56 12.54 14.99
C TRP B 359 14.42 12.23 15.96
N MET B 360 14.15 10.93 16.20
CA MET B 360 13.13 10.48 17.16
C MET B 360 13.59 10.69 18.61
N GLY B 361 14.91 10.60 18.82
CA GLY B 361 15.54 10.75 20.13
C GLY B 361 15.99 9.42 20.72
N VAL B 362 16.01 8.35 19.89
CA VAL B 362 16.41 7.01 20.31
C VAL B 362 17.93 6.98 20.50
N ILE B 363 18.68 7.18 19.41
CA ILE B 363 20.14 7.23 19.43
C ILE B 363 20.54 8.70 19.62
N ASN B 364 21.34 8.99 20.67
CA ASN B 364 21.76 10.35 21.01
C ASN B 364 23.28 10.49 21.12
N SER B 365 24.02 9.36 21.10
CA SER B 365 25.49 9.41 21.18
C SER B 365 26.04 9.93 19.86
N CYS B 366 26.64 11.15 19.92
CA CYS B 366 27.22 11.88 18.79
C CYS B 366 28.32 11.09 18.06
N GLU B 367 29.04 10.20 18.79
CA GLU B 367 30.11 9.34 18.26
C GLU B 367 29.56 8.42 17.15
N VAL B 368 28.38 7.81 17.39
CA VAL B 368 27.67 6.92 16.46
C VAL B 368 27.07 7.75 15.30
N ILE B 369 26.51 8.95 15.62
CA ILE B 369 25.89 9.88 14.66
C ILE B 369 26.94 10.34 13.61
N ALA B 370 28.19 10.58 14.05
CA ALA B 370 29.30 11.00 13.18
C ALA B 370 29.63 9.93 12.14
N VAL B 371 29.62 8.65 12.54
CA VAL B 371 29.91 7.48 11.69
C VAL B 371 28.88 7.41 10.54
N ILE B 372 27.58 7.60 10.84
CA ILE B 372 26.50 7.58 9.83
C ILE B 372 26.80 8.62 8.75
N ASP B 373 27.13 9.86 9.17
CA ASP B 373 27.46 11.01 8.33
C ASP B 373 28.67 10.74 7.42
N LEU B 374 29.72 10.10 7.93
CA LEU B 374 30.93 9.80 7.19
C LEU B 374 30.69 8.70 6.11
N ALA B 375 29.92 7.66 6.47
CA ALA B 375 29.63 6.50 5.63
C ALA B 375 28.60 6.79 4.53
N LEU B 376 27.70 7.77 4.77
CA LEU B 376 26.60 8.17 3.87
C LEU B 376 26.98 8.30 2.36
N PRO B 377 28.05 9.02 1.91
CA PRO B 377 28.31 9.10 0.45
C PRO B 377 28.79 7.78 -0.18
N PHE B 378 29.34 6.84 0.63
CA PHE B 378 29.78 5.53 0.16
C PHE B 378 28.57 4.58 -0.02
N ALA B 379 27.55 4.77 0.84
CA ALA B 379 26.29 4.03 0.80
C ALA B 379 25.45 4.48 -0.41
N ILE B 380 25.50 5.81 -0.74
CA ILE B 380 24.82 6.49 -1.85
C ILE B 380 25.40 6.00 -3.21
N LEU B 381 26.70 5.66 -3.23
CA LEU B 381 27.40 5.17 -4.42
C LEU B 381 26.95 3.74 -4.77
N LEU B 382 26.72 2.88 -3.75
CA LEU B 382 26.27 1.49 -3.92
C LEU B 382 24.91 1.42 -4.63
N GLY B 383 24.05 2.40 -4.37
CA GLY B 383 22.75 2.54 -5.01
C GLY B 383 22.89 2.75 -6.50
N PHE B 384 23.87 3.58 -6.92
CA PHE B 384 24.18 3.87 -8.32
C PHE B 384 24.86 2.67 -9.00
N THR B 385 25.62 1.86 -8.20
CA THR B 385 26.33 0.66 -8.66
C THR B 385 25.33 -0.42 -9.14
N ASN B 386 24.12 -0.44 -8.55
CA ASN B 386 23.04 -1.36 -8.92
C ASN B 386 22.68 -1.21 -10.40
N SER B 387 22.80 0.02 -10.95
CA SER B 387 22.56 0.34 -12.36
C SER B 387 23.60 -0.28 -13.29
N CYS B 388 24.82 -0.55 -12.75
CA CYS B 388 25.91 -1.17 -13.49
C CYS B 388 25.73 -2.69 -13.48
N VAL B 389 25.12 -3.22 -12.41
CA VAL B 389 24.88 -4.66 -12.23
C VAL B 389 23.72 -5.12 -13.13
N ASN B 390 22.60 -4.35 -13.16
CA ASN B 390 21.36 -4.61 -13.92
C ASN B 390 21.58 -5.17 -15.35
N PRO B 391 22.45 -4.60 -16.24
CA PRO B 391 22.62 -5.20 -17.59
C PRO B 391 23.06 -6.68 -17.58
N PHE B 392 23.87 -7.08 -16.58
CA PHE B 392 24.38 -8.44 -16.41
C PHE B 392 23.33 -9.39 -15.83
N LEU B 393 22.34 -8.85 -15.09
CA LEU B 393 21.30 -9.63 -14.43
C LEU B 393 20.11 -9.96 -15.30
N TYR B 394 19.76 -9.07 -16.24
CA TYR B 394 18.55 -9.28 -17.02
C TYR B 394 18.77 -9.37 -18.53
N CYS B 395 19.53 -8.43 -19.13
CA CYS B 395 19.73 -8.41 -20.58
C CYS B 395 20.73 -9.44 -21.04
N PHE B 396 21.90 -9.50 -20.39
CA PHE B 396 22.99 -10.39 -20.82
C PHE B 396 22.68 -11.88 -20.53
N VAL B 397 21.67 -12.18 -19.69
CA VAL B 397 21.26 -13.56 -19.40
C VAL B 397 19.74 -13.73 -19.68
N GLY B 398 19.22 -12.93 -20.61
CA GLY B 398 17.82 -12.91 -21.00
C GLY B 398 17.38 -14.13 -21.78
N ASN B 399 18.09 -14.42 -22.88
CA ASN B 399 17.80 -15.55 -23.77
C ASN B 399 18.01 -16.90 -23.05
N ARG B 400 19.10 -16.98 -22.23
CA ARG B 400 19.51 -18.14 -21.43
C ARG B 400 18.41 -18.58 -20.44
N PHE B 401 17.74 -17.62 -19.77
CA PHE B 401 16.68 -17.89 -18.79
C PHE B 401 15.48 -18.57 -19.44
N GLN B 402 15.02 -18.06 -20.59
CA GLN B 402 13.86 -18.58 -21.34
C GLN B 402 14.13 -19.98 -21.94
N GLN B 403 15.33 -20.18 -22.55
CA GLN B 403 15.74 -21.43 -23.18
C GLN B 403 15.91 -22.56 -22.16
N LYS B 404 16.43 -22.25 -20.96
CA LYS B 404 16.63 -23.23 -19.89
C LYS B 404 15.32 -23.54 -19.12
N LEU B 405 14.33 -22.61 -19.19
CA LEU B 405 13.02 -22.78 -18.53
C LEU B 405 12.10 -23.64 -19.38
N ARG B 406 12.12 -23.41 -20.72
CA ARG B 406 11.32 -24.17 -21.70
C ARG B 406 11.86 -25.62 -21.83
N SER B 407 13.06 -25.89 -21.25
CA SER B 407 13.73 -27.18 -21.23
C SER B 407 13.25 -28.05 -20.05
N VAL B 408 13.29 -27.49 -18.82
CA VAL B 408 12.90 -28.17 -17.56
C VAL B 408 11.38 -28.46 -17.56
N1 8EM C . -15.21 -1.86 -6.15
N3 8EM C . -13.90 -7.93 -4.43
C4 8EM C . -14.63 1.46 -6.47
C5 8EM C . -13.86 2.73 -6.19
C6 8EM C . -15.66 -3.02 -6.79
C7 8EM C . -15.65 -1.63 -4.76
C8 8EM C . -15.03 -2.57 -3.74
C10 8EM C . -15.16 -3.71 -1.62
C13 8EM C . -13.17 -6.70 -1.11
C15 8EM C . -12.81 -7.56 -0.08
C17 8EM C . -12.85 -5.74 1.47
C20 8EM C . -13.83 -3.24 -3.98
C21 8EM C . -13.59 -2.62 -9.89
C22 8EM C . -13.88 -3.80 -10.56
C24 8EM C . -15.37 -4.46 -8.78
C26 8EM C . -12.96 -7.14 -9.93
C28 8EM C . -10.72 -8.02 -9.65
O1 8EM C . -14.27 -7.82 -11.72
C25 8EM C . -14.13 -6.98 -10.85
C31 8EM C . -12.82 -6.50 -8.69
C30 8EM C . -11.65 -6.63 -7.94
C29 8EM C . -10.60 -7.38 -8.44
C27 8EM C . -11.89 -7.91 -10.40
N6 8EM C . -15.04 -5.97 -10.69
C32 8EM C . -16.30 -6.08 -11.41
C33 8EM C . -16.28 -5.23 -12.64
O2 8EM C . -15.37 -5.56 -13.60
C36 8EM C . -15.53 -4.64 -14.60
C35 8EM C . -16.49 -3.78 -14.30
C34 8EM C . -16.99 -4.15 -13.03
C23 8EM C . -14.76 -4.74 -10.01
C1 8EM C . -14.18 -2.35 -8.66
C 8EM C . -15.09 -3.27 -8.11
O 8EM C . -16.51 -3.72 -6.28
C2 8EM C . -14.30 -1.01 -6.81
C3 8EM C . -13.84 0.22 -6.09
N 8EM C . -13.81 -1.19 -7.98
C19 8EM C . -13.30 -4.11 -3.06
C11 8EM C . -13.96 -4.38 -1.85
C9 8EM C . -15.68 -2.82 -2.55
C12 8EM C . -13.41 -5.34 -0.86
C18 8EM C . -13.23 -4.87 0.46
C16 8EM C . -12.65 -7.07 1.21
C14 8EM C . -13.22 -7.31 -2.50
N5 8EM C . -12.21 -7.99 -3.06
N4 8EM C . -12.67 -8.37 -4.28
N2 8EM C . -14.28 -7.26 -3.32
N1 8EM D . 20.17 8.94 -3.10
N3 8EM D . 16.55 13.60 -0.52
C4 8EM D . 21.15 6.68 -5.44
C5 8EM D . 20.93 5.87 -6.69
C6 8EM D . 20.63 9.94 -2.22
C7 8EM D . 19.18 7.98 -2.58
C8 8EM D . 17.80 8.57 -2.36
C10 8EM D . 15.67 8.52 -1.22
C13 8EM D . 13.66 11.52 -1.11
C15 8EM D . 12.38 11.92 -0.72
C17 8EM D . 11.51 9.79 -1.40
C20 8EM D . 17.38 9.70 -3.03
C21 8EM D . 22.73 11.79 -4.73
C22 8EM D . 23.13 12.89 -3.99
C24 8EM D . 21.97 12.02 -2.05
C26 8EM D . 21.34 15.67 -2.79
C28 8EM D . 19.99 17.21 -4.09
O1 8EM D . 23.27 16.42 -1.73
C25 8EM D . 22.66 15.43 -2.13
C31 8EM D . 20.35 14.70 -2.99
C30 8EM D . 19.21 14.99 -3.73
C29 8EM D . 19.03 16.23 -4.28
C27 8EM D . 21.13 16.94 -3.35
N6 8EM D . 23.13 14.18 -1.90
C32 8EM D . 24.23 14.02 -0.95
C33 8EM D . 25.53 13.88 -1.67
O2 8EM D . 25.93 14.94 -2.43
C36 8EM D . 27.12 14.57 -3.00
C35 8EM D . 27.47 13.35 -2.63
C34 8EM D . 26.43 12.89 -1.76
C23 8EM D . 22.75 13.02 -2.65
C1 8EM D . 21.91 10.81 -4.16
C 8EM D . 21.54 10.93 -2.81
O 8EM D . 20.30 9.93 -1.04
C2 8EM D . 20.63 8.92 -4.41
C3 8EM D . 20.16 7.83 -5.31
N 8EM D . 21.45 9.76 -4.95
C19 8EM D . 16.12 10.24 -2.80
C11 8EM D . 15.24 9.66 -1.88
C9 8EM D . 16.93 7.97 -1.46
C12 8EM D . 13.89 10.22 -1.62
C18 8EM D . 12.78 9.38 -1.77
C16 8EM D . 11.31 11.04 -0.87
C14 8EM D . 14.74 12.59 -1.00
N5 8EM D . 14.66 13.79 -1.59
N4 8EM D . 15.83 14.41 -1.26
N2 8EM D . 15.88 12.44 -0.33
#